data_5FRH
#
_entry.id   5FRH
#
_cell.length_a   1.000
_cell.length_b   1.000
_cell.length_c   1.000
_cell.angle_alpha   90.00
_cell.angle_beta   90.00
_cell.angle_gamma   90.00
#
_symmetry.space_group_name_H-M   'P 1'
#
_entity_poly.entity_id   1
_entity_poly.type   'polypeptide(L)'
_entity_poly.pdbx_seq_one_letter_code
;GSHMSAGEPHETDCSEILDHLYEFLDKEMPDSDAVKFEHHFEESSPCLEKYGLEQAVKKLVKRAAGQDDVPGDLRAKVMG
RLDLIRSGQSVPEHDVAAAPSSSAPQES
;
_entity_poly.pdbx_strand_id   A
#
# COMPACT_ATOMS: atom_id res chain seq x y z
N GLY A 1 18.09 2.43 17.03
CA GLY A 1 17.09 2.74 15.96
C GLY A 1 16.63 4.18 15.97
N SER A 2 17.50 5.08 15.51
CA SER A 2 17.19 6.51 15.47
C SER A 2 16.78 6.93 14.06
N HIS A 3 17.60 6.60 13.07
CA HIS A 3 17.33 6.95 11.68
C HIS A 3 16.60 5.81 10.96
N MET A 4 17.15 4.60 11.05
CA MET A 4 16.56 3.42 10.42
C MET A 4 15.85 2.54 11.45
N SER A 5 14.60 2.16 11.15
CA SER A 5 13.82 1.32 12.06
C SER A 5 12.99 0.30 11.27
N ALA A 6 13.20 -0.99 11.56
CA ALA A 6 12.47 -2.06 10.89
C ALA A 6 11.96 -3.10 11.89
N GLY A 7 11.42 -2.62 13.01
CA GLY A 7 10.90 -3.52 14.03
C GLY A 7 9.41 -3.74 13.90
N GLU A 8 9.03 -4.77 13.13
CA GLU A 8 7.62 -5.10 12.91
C GLU A 8 7.00 -5.72 14.17
N PRO A 9 5.71 -5.40 14.46
CA PRO A 9 5.02 -5.92 15.65
C PRO A 9 4.55 -7.37 15.46
N HIS A 10 3.75 -7.87 16.40
CA HIS A 10 3.23 -9.24 16.33
C HIS A 10 2.04 -9.31 15.37
N GLU A 11 2.20 -10.08 14.29
CA GLU A 11 1.13 -10.23 13.28
C GLU A 11 0.76 -11.69 13.09
N THR A 12 -0.10 -11.96 12.10
CA THR A 12 -0.56 -13.32 11.81
C THR A 12 -0.56 -13.57 10.30
N ASP A 13 -1.32 -12.76 9.56
CA ASP A 13 -1.41 -12.88 8.10
C ASP A 13 -1.13 -11.54 7.43
N CYS A 14 -0.71 -11.57 6.17
CA CYS A 14 -0.40 -10.34 5.44
C CYS A 14 -0.70 -10.48 3.94
N SER A 15 -0.22 -11.57 3.32
CA SER A 15 -0.43 -11.80 1.89
C SER A 15 -1.90 -11.67 1.51
N GLU A 16 -2.80 -12.06 2.41
CA GLU A 16 -4.24 -11.97 2.16
C GLU A 16 -4.66 -10.52 1.99
N ILE A 17 -4.09 -9.63 2.81
CA ILE A 17 -4.38 -8.21 2.71
C ILE A 17 -3.92 -7.72 1.36
N LEU A 18 -2.76 -8.19 0.89
CA LEU A 18 -2.32 -7.83 -0.42
C LEU A 18 -3.34 -8.39 -1.39
N ASP A 19 -3.58 -9.72 -1.28
CA ASP A 19 -4.56 -10.39 -2.14
C ASP A 19 -5.78 -9.51 -2.41
N HIS A 20 -6.24 -8.72 -1.42
CA HIS A 20 -7.36 -7.82 -1.67
C HIS A 20 -6.83 -6.68 -2.52
N LEU A 21 -5.81 -5.99 -2.01
CA LEU A 21 -5.20 -4.86 -2.72
C LEU A 21 -5.12 -5.10 -4.24
N TYR A 22 -4.97 -6.36 -4.65
CA TYR A 22 -4.89 -6.69 -6.07
C TYR A 22 -6.28 -6.89 -6.68
N GLU A 23 -6.97 -7.97 -6.28
CA GLU A 23 -8.31 -8.28 -6.80
C GLU A 23 -9.36 -7.25 -6.36
N PHE A 24 -9.19 -6.72 -5.15
CA PHE A 24 -10.10 -5.72 -4.59
C PHE A 24 -10.03 -4.44 -5.42
N LEU A 25 -8.79 -4.04 -5.65
CA LEU A 25 -8.50 -2.82 -6.39
C LEU A 25 -8.78 -2.96 -7.88
N ASP A 26 -8.28 -4.02 -8.52
CA ASP A 26 -8.45 -4.21 -9.97
C ASP A 26 -9.73 -4.95 -10.38
N LYS A 27 -10.22 -5.85 -9.54
CA LYS A 27 -11.39 -6.66 -9.89
C LYS A 27 -12.66 -6.29 -9.10
N GLU A 28 -12.72 -5.08 -8.61
CA GLU A 28 -13.88 -4.62 -7.86
C GLU A 28 -14.34 -3.22 -8.31
N MET A 29 -13.56 -2.20 -7.98
CA MET A 29 -13.88 -0.81 -8.36
C MET A 29 -12.79 0.15 -7.88
N PRO A 30 -11.73 0.34 -8.71
CA PRO A 30 -10.60 1.22 -8.39
C PRO A 30 -10.96 2.47 -7.56
N ASP A 31 -12.03 3.17 -7.95
CA ASP A 31 -12.46 4.37 -7.23
C ASP A 31 -13.41 4.04 -6.08
N SER A 32 -14.33 3.11 -6.30
CA SER A 32 -15.28 2.70 -5.26
C SER A 32 -14.66 1.61 -4.38
N ASP A 33 -13.42 1.87 -3.93
CA ASP A 33 -12.69 0.92 -3.08
C ASP A 33 -11.96 1.62 -1.95
N ALA A 34 -11.66 2.93 -2.10
CA ALA A 34 -10.95 3.66 -1.05
C ALA A 34 -11.72 3.62 0.29
N VAL A 35 -13.04 3.75 0.22
CA VAL A 35 -13.88 3.73 1.42
C VAL A 35 -14.06 2.29 1.92
N LYS A 36 -14.11 1.34 0.99
CA LYS A 36 -14.27 -0.07 1.33
C LYS A 36 -12.92 -0.64 1.78
N PHE A 37 -11.83 -0.01 1.33
CA PHE A 37 -10.48 -0.44 1.69
C PHE A 37 -10.29 -0.30 3.21
N GLU A 38 -10.24 0.96 3.68
CA GLU A 38 -10.05 1.28 5.11
C GLU A 38 -10.49 0.15 6.06
N HIS A 39 -11.68 -0.40 5.83
CA HIS A 39 -12.23 -1.48 6.68
C HIS A 39 -11.25 -2.65 6.82
N HIS A 40 -10.88 -3.26 5.69
CA HIS A 40 -9.97 -4.40 5.69
C HIS A 40 -8.52 -3.98 5.88
N PHE A 41 -8.22 -2.73 5.53
CA PHE A 41 -6.87 -2.19 5.65
C PHE A 41 -6.49 -1.87 7.10
N GLU A 42 -7.51 -1.64 7.94
CA GLU A 42 -7.28 -1.31 9.35
C GLU A 42 -7.21 -2.59 10.21
N GLU A 43 -7.93 -3.64 9.78
CA GLU A 43 -7.95 -4.91 10.53
C GLU A 43 -6.55 -5.54 10.61
N SER A 44 -5.73 -5.31 9.59
CA SER A 44 -4.38 -5.87 9.56
C SER A 44 -3.33 -4.78 9.32
N SER A 45 -3.31 -3.77 10.17
CA SER A 45 -2.33 -2.70 10.07
C SER A 45 -0.90 -3.27 10.11
N PRO A 46 -0.63 -4.24 11.01
CA PRO A 46 0.71 -4.88 11.14
C PRO A 46 1.21 -5.54 9.87
N CYS A 47 0.33 -5.83 8.90
CA CYS A 47 0.76 -6.42 7.64
C CYS A 47 1.40 -5.33 6.80
N LEU A 48 0.76 -4.16 6.83
CA LEU A 48 1.25 -2.99 6.10
C LEU A 48 2.49 -2.38 6.80
N GLU A 49 2.88 -2.92 7.96
CA GLU A 49 4.05 -2.42 8.69
C GLU A 49 5.23 -3.40 8.58
N LYS A 50 5.07 -4.33 7.65
CA LYS A 50 6.13 -5.31 7.35
C LYS A 50 6.96 -4.82 6.17
N TYR A 51 6.26 -4.50 5.09
CA TYR A 51 6.91 -4.03 3.86
C TYR A 51 6.75 -2.51 3.68
N GLY A 52 5.93 -1.87 4.53
CA GLY A 52 5.72 -0.44 4.43
C GLY A 52 4.57 -0.10 3.50
N LEU A 53 3.49 -0.87 3.61
CA LEU A 53 2.32 -0.65 2.77
C LEU A 53 1.33 0.33 3.41
N GLU A 54 1.37 0.45 4.75
CA GLU A 54 0.46 1.36 5.45
C GLU A 54 0.46 2.73 4.77
N GLN A 55 1.65 3.30 4.71
CA GLN A 55 1.89 4.61 4.10
C GLN A 55 1.26 4.69 2.70
N ALA A 56 1.35 3.59 1.95
CA ALA A 56 0.79 3.57 0.60
C ALA A 56 -0.73 3.38 0.60
N VAL A 57 -1.21 2.30 1.23
CA VAL A 57 -2.65 2.02 1.28
C VAL A 57 -3.44 3.17 1.89
N LYS A 58 -2.85 3.88 2.87
CA LYS A 58 -3.53 5.04 3.47
C LYS A 58 -3.86 6.03 2.36
N LYS A 59 -2.90 6.16 1.45
CA LYS A 59 -3.02 7.05 0.29
C LYS A 59 -4.11 6.56 -0.67
N LEU A 60 -4.21 5.24 -0.85
CA LEU A 60 -5.25 4.66 -1.71
C LEU A 60 -6.63 4.98 -1.15
N VAL A 61 -6.73 4.92 0.17
CA VAL A 61 -7.98 5.20 0.86
C VAL A 61 -8.32 6.70 0.79
N LYS A 62 -7.27 7.52 0.77
CA LYS A 62 -7.36 8.97 0.72
C LYS A 62 -8.14 9.51 -0.47
N ARG A 63 -8.07 8.82 -1.61
CA ARG A 63 -8.75 9.29 -2.82
C ARG A 63 -10.28 9.14 -2.76
N ALA A 64 -10.78 7.91 -2.66
CA ALA A 64 -12.24 7.67 -2.58
C ALA A 64 -12.97 8.27 -3.79
N ALA A 65 -14.29 8.04 -3.85
CA ALA A 65 -15.11 8.55 -4.94
C ALA A 65 -15.24 10.07 -4.88
N GLY A 66 -15.14 10.73 -6.04
CA GLY A 66 -15.24 12.18 -6.09
C GLY A 66 -13.87 12.84 -6.12
N GLN A 67 -12.98 12.40 -5.23
CA GLN A 67 -11.63 12.95 -5.13
C GLN A 67 -10.71 12.34 -6.19
N ASP A 68 -9.41 12.22 -5.89
CA ASP A 68 -8.43 11.66 -6.82
C ASP A 68 -8.93 10.32 -7.42
N ASP A 69 -9.88 9.67 -6.72
CA ASP A 69 -10.48 8.40 -7.17
C ASP A 69 -9.44 7.27 -7.33
N VAL A 70 -8.47 7.49 -8.22
CA VAL A 70 -7.41 6.50 -8.51
C VAL A 70 -6.60 6.97 -9.72
N PRO A 71 -5.42 7.59 -9.47
CA PRO A 71 -4.56 8.11 -10.52
C PRO A 71 -3.91 7.02 -11.38
N GLY A 72 -4.08 5.76 -10.99
CA GLY A 72 -3.47 4.67 -11.73
C GLY A 72 -1.99 4.55 -11.39
N ASP A 73 -1.43 5.61 -10.81
CA ASP A 73 -0.04 5.64 -10.41
C ASP A 73 0.12 5.06 -9.01
N LEU A 74 -0.94 5.11 -8.20
CA LEU A 74 -0.86 4.54 -6.85
C LEU A 74 -1.13 3.06 -6.93
N ARG A 75 -2.19 2.70 -7.65
CA ARG A 75 -2.55 1.30 -7.85
C ARG A 75 -1.38 0.55 -8.46
N ALA A 76 -0.99 0.97 -9.66
CA ALA A 76 0.12 0.33 -10.38
C ALA A 76 1.33 0.19 -9.47
N LYS A 77 1.44 1.14 -8.55
CA LYS A 77 2.51 1.16 -7.58
C LYS A 77 2.25 0.16 -6.47
N VAL A 78 0.98 0.09 -6.03
CA VAL A 78 0.61 -0.84 -4.96
C VAL A 78 0.59 -2.27 -5.50
N MET A 79 -0.13 -2.53 -6.60
CA MET A 79 -0.18 -3.86 -7.18
C MET A 79 1.23 -4.36 -7.46
N GLY A 80 2.00 -3.54 -8.16
CA GLY A 80 3.38 -3.88 -8.47
C GLY A 80 4.18 -4.14 -7.22
N ARG A 81 3.80 -3.47 -6.12
CA ARG A 81 4.45 -3.65 -4.84
C ARG A 81 4.04 -4.99 -4.27
N LEU A 82 2.75 -5.34 -4.42
CA LEU A 82 2.28 -6.64 -3.96
C LEU A 82 3.15 -7.68 -4.64
N ASP A 83 3.20 -7.58 -5.97
CA ASP A 83 3.98 -8.48 -6.80
C ASP A 83 5.43 -8.49 -6.34
N LEU A 84 5.88 -7.38 -5.74
CA LEU A 84 7.22 -7.28 -5.22
C LEU A 84 7.24 -7.88 -3.80
N ILE A 85 6.20 -7.55 -3.04
CA ILE A 85 6.05 -8.05 -1.67
C ILE A 85 5.92 -9.58 -1.69
N ARG A 86 4.90 -10.06 -2.40
CA ARG A 86 4.62 -11.49 -2.53
C ARG A 86 5.83 -12.25 -3.10
N SER A 87 6.65 -11.56 -3.90
CA SER A 87 7.83 -12.19 -4.50
C SER A 87 9.13 -11.50 -4.08
N GLY A 88 9.15 -10.91 -2.88
CA GLY A 88 10.36 -10.24 -2.39
C GLY A 88 10.08 -9.26 -1.24
N GLN A 89 11.15 -8.71 -0.66
CA GLN A 89 11.01 -7.78 0.46
C GLN A 89 11.56 -6.37 0.11
N SER A 90 12.69 -6.32 -0.62
CA SER A 90 13.31 -5.05 -1.00
C SER A 90 12.28 -4.10 -1.62
N VAL A 91 12.12 -2.92 -1.02
CA VAL A 91 11.17 -1.92 -1.51
C VAL A 91 11.86 -0.61 -1.89
N PRO A 92 11.32 0.08 -2.91
CA PRO A 92 11.85 1.35 -3.42
C PRO A 92 11.17 2.58 -2.80
N GLU A 93 11.54 3.76 -3.31
CA GLU A 93 10.98 5.02 -2.83
C GLU A 93 9.65 5.34 -3.52
N HIS A 94 8.61 4.56 -3.21
CA HIS A 94 7.27 4.76 -3.79
C HIS A 94 6.50 5.82 -3.02
N ASP A 95 7.05 6.27 -1.89
CA ASP A 95 6.42 7.31 -1.07
C ASP A 95 6.39 8.64 -1.80
N VAL A 96 7.27 8.80 -2.82
CA VAL A 96 7.34 10.02 -3.61
C VAL A 96 5.99 10.40 -4.20
N ALA A 97 5.13 9.40 -4.38
CA ALA A 97 3.81 9.62 -4.93
C ALA A 97 2.97 10.50 -4.01
N ALA A 98 3.28 10.43 -2.71
CA ALA A 98 2.60 11.23 -1.70
C ALA A 98 3.58 11.54 -0.57
N ALA A 99 4.47 12.52 -0.81
CA ALA A 99 5.50 12.91 0.15
C ALA A 99 6.65 11.90 0.13
N PRO A 100 7.74 12.21 -0.59
CA PRO A 100 8.90 11.31 -0.71
C PRO A 100 9.80 11.31 0.52
N SER A 101 9.90 10.16 1.19
CA SER A 101 10.74 10.03 2.39
C SER A 101 10.88 8.56 2.82
N SER A 102 11.14 7.67 1.85
CA SER A 102 11.30 6.25 2.14
C SER A 102 12.64 5.98 2.82
N SER A 103 13.71 6.58 2.28
CA SER A 103 15.05 6.42 2.84
C SER A 103 15.89 7.69 2.64
N ALA A 104 15.92 8.19 1.40
CA ALA A 104 16.68 9.39 1.07
C ALA A 104 15.78 10.48 0.47
N PRO A 105 15.11 11.27 1.34
CA PRO A 105 14.20 12.35 0.90
C PRO A 105 14.83 13.28 -0.15
N GLN A 106 16.07 13.69 0.09
CA GLN A 106 16.79 14.58 -0.82
C GLN A 106 17.65 13.79 -1.81
N GLU A 107 18.42 12.83 -1.28
CA GLU A 107 19.30 11.98 -2.10
C GLU A 107 20.16 12.83 -3.05
N SER A 108 21.33 13.26 -2.56
CA SER A 108 22.25 14.07 -3.35
C SER A 108 23.11 13.19 -4.25
N GLY A 1 1.30 10.06 26.39
CA GLY A 1 2.55 9.24 26.38
C GLY A 1 2.31 7.79 26.04
N SER A 2 2.10 7.51 24.75
CA SER A 2 1.84 6.15 24.28
C SER A 2 2.71 5.81 23.07
N HIS A 3 3.28 4.61 23.06
CA HIS A 3 4.13 4.16 21.96
C HIS A 3 3.40 3.17 21.06
N MET A 4 3.58 3.31 19.75
CA MET A 4 2.92 2.43 18.78
C MET A 4 3.95 1.56 18.06
N SER A 5 3.57 0.32 17.75
CA SER A 5 4.46 -0.62 17.07
C SER A 5 4.27 -0.54 15.56
N ALA A 6 5.37 -0.29 14.84
CA ALA A 6 5.34 -0.17 13.38
C ALA A 6 6.27 -1.20 12.72
N GLY A 7 7.48 -1.34 13.26
CA GLY A 7 8.44 -2.27 12.71
C GLY A 7 8.08 -3.72 13.00
N GLU A 8 7.31 -4.34 12.10
CA GLU A 8 6.89 -5.73 12.24
C GLU A 8 6.33 -6.02 13.65
N PRO A 9 5.05 -5.70 13.89
CA PRO A 9 4.39 -5.92 15.18
C PRO A 9 3.94 -7.38 15.35
N HIS A 10 2.89 -7.60 16.15
CA HIS A 10 2.38 -8.96 16.39
C HIS A 10 1.98 -9.65 15.08
N GLU A 11 1.21 -8.93 14.25
CA GLU A 11 0.77 -9.43 12.94
C GLU A 11 -0.10 -10.69 13.08
N THR A 12 -0.76 -11.07 11.98
CA THR A 12 -1.63 -12.26 11.95
C THR A 12 -1.94 -12.68 10.52
N ASP A 13 -2.34 -11.72 9.68
CA ASP A 13 -2.66 -11.98 8.28
C ASP A 13 -1.76 -11.14 7.38
N CYS A 14 -1.03 -11.80 6.49
CA CYS A 14 -0.11 -11.10 5.58
C CYS A 14 -0.58 -11.19 4.12
N SER A 15 -0.51 -12.40 3.54
CA SER A 15 -0.90 -12.61 2.14
C SER A 15 -2.36 -12.23 1.89
N GLU A 16 -3.22 -12.45 2.87
CA GLU A 16 -4.64 -12.13 2.74
C GLU A 16 -4.86 -10.65 2.45
N ILE A 17 -4.17 -9.80 3.19
CA ILE A 17 -4.27 -8.35 2.99
C ILE A 17 -3.87 -8.03 1.58
N LEU A 18 -2.83 -8.71 1.09
CA LEU A 18 -2.43 -8.51 -0.28
C LEU A 18 -3.59 -8.96 -1.14
N ASP A 19 -4.03 -10.21 -0.94
CA ASP A 19 -5.15 -10.78 -1.68
C ASP A 19 -6.28 -9.78 -1.91
N HIS A 20 -6.51 -8.82 -0.98
CA HIS A 20 -7.55 -7.82 -1.20
C HIS A 20 -6.98 -6.74 -2.10
N LEU A 21 -5.93 -6.08 -1.61
CA LEU A 21 -5.27 -5.00 -2.34
C LEU A 21 -5.11 -5.30 -3.84
N TYR A 22 -5.02 -6.58 -4.21
CA TYR A 22 -4.86 -6.95 -5.61
C TYR A 22 -6.21 -7.06 -6.33
N GLU A 23 -6.99 -8.09 -5.99
CA GLU A 23 -8.30 -8.32 -6.63
C GLU A 23 -9.30 -7.21 -6.28
N PHE A 24 -9.16 -6.65 -5.09
CA PHE A 24 -10.04 -5.58 -4.62
C PHE A 24 -9.80 -4.30 -5.39
N LEU A 25 -8.53 -3.97 -5.49
CA LEU A 25 -8.08 -2.76 -6.15
C LEU A 25 -8.18 -2.86 -7.68
N ASP A 26 -7.67 -3.95 -8.26
CA ASP A 26 -7.66 -4.10 -9.72
C ASP A 26 -9.01 -4.43 -10.37
N LYS A 27 -9.77 -5.37 -9.81
CA LYS A 27 -11.04 -5.77 -10.45
C LYS A 27 -12.30 -5.42 -9.67
N GLU A 28 -12.26 -5.48 -8.36
CA GLU A 28 -13.46 -5.19 -7.55
C GLU A 28 -14.01 -3.79 -7.87
N MET A 29 -13.21 -2.74 -7.64
CA MET A 29 -13.63 -1.37 -7.91
C MET A 29 -12.51 -0.39 -7.52
N PRO A 30 -11.60 -0.08 -8.47
CA PRO A 30 -10.47 0.84 -8.23
C PRO A 30 -10.84 2.11 -7.45
N ASP A 31 -11.83 2.86 -7.94
CA ASP A 31 -12.26 4.10 -7.29
C ASP A 31 -13.35 3.86 -6.25
N SER A 32 -14.23 2.89 -6.49
CA SER A 32 -15.32 2.58 -5.56
C SER A 32 -14.85 1.59 -4.49
N ASP A 33 -13.66 1.83 -3.93
CA ASP A 33 -13.11 0.96 -2.89
C ASP A 33 -12.35 1.74 -1.81
N ALA A 34 -12.05 3.03 -2.04
CA ALA A 34 -11.34 3.83 -1.04
C ALA A 34 -12.05 3.82 0.30
N VAL A 35 -13.39 3.95 0.29
CA VAL A 35 -14.17 3.94 1.52
C VAL A 35 -14.20 2.55 2.14
N LYS A 36 -14.07 1.52 1.29
CA LYS A 36 -14.04 0.14 1.76
C LYS A 36 -12.60 -0.25 2.09
N PHE A 37 -11.65 0.55 1.58
CA PHE A 37 -10.23 0.33 1.81
C PHE A 37 -9.83 0.63 3.25
N GLU A 38 -10.75 1.15 4.07
CA GLU A 38 -10.42 1.46 5.47
C GLU A 38 -10.90 0.36 6.43
N HIS A 39 -11.36 -0.77 5.89
CA HIS A 39 -11.83 -1.89 6.71
C HIS A 39 -10.87 -3.08 6.61
N HIS A 40 -10.55 -3.47 5.37
CA HIS A 40 -9.65 -4.59 5.10
C HIS A 40 -8.20 -4.18 5.35
N PHE A 41 -7.97 -2.86 5.30
CA PHE A 41 -6.64 -2.29 5.48
C PHE A 41 -6.30 -2.10 6.96
N GLU A 42 -7.33 -2.01 7.81
CA GLU A 42 -7.13 -1.83 9.25
C GLU A 42 -7.05 -3.17 10.01
N GLU A 43 -7.73 -4.20 9.51
CA GLU A 43 -7.75 -5.52 10.19
C GLU A 43 -6.34 -6.07 10.45
N SER A 44 -5.47 -6.08 9.43
CA SER A 44 -4.11 -6.58 9.60
C SER A 44 -3.09 -5.55 9.13
N SER A 45 -3.08 -4.40 9.79
CA SER A 45 -2.13 -3.33 9.45
C SER A 45 -0.68 -3.74 9.77
N PRO A 46 -0.44 -4.53 10.85
CA PRO A 46 0.90 -4.96 11.27
C PRO A 46 1.71 -5.77 10.22
N CYS A 47 1.06 -6.31 9.19
CA CYS A 47 1.79 -7.10 8.18
C CYS A 47 2.14 -6.24 6.98
N LEU A 48 1.16 -5.49 6.51
CA LEU A 48 1.39 -4.59 5.40
C LEU A 48 2.16 -3.37 5.90
N GLU A 49 2.28 -3.25 7.24
CA GLU A 49 2.96 -2.13 7.83
C GLU A 49 4.41 -2.00 7.37
N LYS A 50 5.26 -3.01 7.61
CA LYS A 50 6.69 -2.91 7.23
C LYS A 50 6.89 -2.45 5.80
N TYR A 51 6.34 -3.20 4.86
CA TYR A 51 6.48 -2.90 3.43
C TYR A 51 6.13 -1.45 3.13
N GLY A 52 5.49 -0.79 4.09
CA GLY A 52 5.11 0.60 3.91
C GLY A 52 3.84 0.74 3.14
N LEU A 53 3.03 -0.32 3.20
CA LEU A 53 1.75 -0.33 2.50
C LEU A 53 0.77 0.60 3.21
N GLU A 54 0.73 0.57 4.55
CA GLU A 54 -0.16 1.48 5.29
C GLU A 54 0.02 2.90 4.76
N GLN A 55 1.24 3.38 4.89
CA GLN A 55 1.62 4.72 4.42
C GLN A 55 1.17 4.93 2.97
N ALA A 56 1.16 3.85 2.19
CA ALA A 56 0.75 3.92 0.79
C ALA A 56 -0.77 3.76 0.65
N VAL A 57 -1.33 2.69 1.21
CA VAL A 57 -2.77 2.44 1.12
C VAL A 57 -3.57 3.57 1.74
N LYS A 58 -3.09 4.15 2.84
CA LYS A 58 -3.78 5.28 3.47
C LYS A 58 -4.04 6.34 2.40
N LYS A 59 -3.04 6.48 1.52
CA LYS A 59 -3.10 7.43 0.42
C LYS A 59 -4.17 7.00 -0.59
N LEU A 60 -4.34 5.68 -0.75
CA LEU A 60 -5.36 5.14 -1.66
C LEU A 60 -6.75 5.44 -1.12
N VAL A 61 -6.91 5.25 0.19
CA VAL A 61 -8.19 5.52 0.85
C VAL A 61 -8.64 6.95 0.56
N LYS A 62 -7.67 7.85 0.60
CA LYS A 62 -7.88 9.26 0.36
C LYS A 62 -8.43 9.52 -1.05
N ARG A 63 -8.05 8.67 -1.99
CA ARG A 63 -8.46 8.80 -3.40
C ARG A 63 -9.99 8.96 -3.53
N ALA A 64 -10.73 7.90 -3.18
CA ALA A 64 -12.20 7.92 -3.27
C ALA A 64 -12.68 8.21 -4.69
N ALA A 65 -13.93 7.84 -4.98
CA ALA A 65 -14.51 8.06 -6.30
C ALA A 65 -15.10 9.47 -6.42
N GLY A 66 -14.37 10.36 -7.10
CA GLY A 66 -14.84 11.73 -7.28
C GLY A 66 -13.72 12.75 -7.32
N GLN A 67 -12.72 12.58 -6.44
CA GLN A 67 -11.59 13.51 -6.38
C GLN A 67 -10.41 13.02 -7.22
N ASP A 68 -9.28 12.71 -6.58
CA ASP A 68 -8.09 12.23 -7.29
C ASP A 68 -8.16 10.72 -7.50
N ASP A 69 -9.38 10.19 -7.60
CA ASP A 69 -9.62 8.77 -7.79
C ASP A 69 -8.53 8.08 -8.58
N VAL A 70 -8.15 6.92 -8.07
CA VAL A 70 -7.12 6.05 -8.63
C VAL A 70 -6.41 6.67 -9.85
N PRO A 71 -5.26 7.33 -9.62
CA PRO A 71 -4.46 7.97 -10.67
C PRO A 71 -3.74 6.99 -11.60
N GLY A 72 -3.80 5.69 -11.26
CA GLY A 72 -3.12 4.70 -12.08
C GLY A 72 -1.65 4.57 -11.69
N ASP A 73 -1.10 5.65 -11.10
CA ASP A 73 0.28 5.66 -10.67
C ASP A 73 0.41 5.06 -9.26
N LEU A 74 -0.65 5.18 -8.45
CA LEU A 74 -0.63 4.61 -7.11
C LEU A 74 -0.88 3.13 -7.19
N ARG A 75 -1.90 2.78 -7.96
CA ARG A 75 -2.25 1.37 -8.16
C ARG A 75 -1.04 0.61 -8.69
N ALA A 76 -0.52 1.06 -9.83
CA ALA A 76 0.62 0.41 -10.47
C ALA A 76 1.77 0.29 -9.48
N LYS A 77 1.89 1.29 -8.62
CA LYS A 77 2.92 1.32 -7.58
C LYS A 77 2.55 0.33 -6.48
N VAL A 78 1.26 0.34 -6.12
CA VAL A 78 0.74 -0.55 -5.08
C VAL A 78 0.71 -1.99 -5.59
N MET A 79 0.02 -2.20 -6.71
CA MET A 79 -0.08 -3.54 -7.32
C MET A 79 1.31 -4.12 -7.57
N GLY A 80 2.15 -3.33 -8.24
CA GLY A 80 3.50 -3.77 -8.53
C GLY A 80 4.30 -4.06 -7.28
N ARG A 81 4.04 -3.30 -6.20
CA ARG A 81 4.71 -3.52 -4.94
C ARG A 81 4.12 -4.75 -4.29
N LEU A 82 2.81 -4.92 -4.41
CA LEU A 82 2.16 -6.10 -3.86
C LEU A 82 2.81 -7.31 -4.51
N ASP A 83 2.81 -7.29 -5.84
CA ASP A 83 3.44 -8.34 -6.65
C ASP A 83 4.90 -8.53 -6.21
N LEU A 84 5.51 -7.45 -5.70
CA LEU A 84 6.86 -7.49 -5.20
C LEU A 84 6.86 -8.10 -3.80
N ILE A 85 5.88 -7.67 -3.01
CA ILE A 85 5.71 -8.13 -1.63
C ILE A 85 5.37 -9.63 -1.60
N ARG A 86 4.28 -9.99 -2.29
CA ARG A 86 3.81 -11.38 -2.37
C ARG A 86 4.92 -12.33 -2.84
N SER A 87 5.78 -11.84 -3.73
CA SER A 87 6.89 -12.64 -4.25
C SER A 87 7.88 -13.00 -3.14
N GLY A 88 8.06 -12.07 -2.19
CA GLY A 88 8.97 -12.30 -1.08
C GLY A 88 10.16 -11.36 -1.09
N GLN A 89 9.89 -10.04 -1.11
CA GLN A 89 10.93 -9.04 -1.12
C GLN A 89 10.43 -7.71 -0.56
N SER A 90 11.19 -7.18 0.39
CA SER A 90 10.88 -5.89 1.02
C SER A 90 11.79 -4.81 0.45
N VAL A 91 11.24 -3.96 -0.41
CA VAL A 91 12.00 -2.90 -1.05
C VAL A 91 11.62 -1.50 -0.52
N PRO A 92 12.61 -0.63 -0.23
CA PRO A 92 12.40 0.70 0.30
C PRO A 92 12.43 1.80 -0.79
N GLU A 93 11.28 2.41 -1.05
CA GLU A 93 11.16 3.48 -2.04
C GLU A 93 9.71 4.01 -2.12
N HIS A 94 9.09 4.22 -0.96
CA HIS A 94 7.72 4.71 -0.89
C HIS A 94 7.67 6.08 -0.19
N ASP A 95 8.30 7.08 -0.81
CA ASP A 95 8.33 8.43 -0.26
C ASP A 95 6.99 9.13 -0.48
N VAL A 96 6.64 9.34 -1.76
CA VAL A 96 5.39 10.00 -2.13
C VAL A 96 4.48 9.05 -2.91
N ALA A 97 4.97 7.84 -3.20
CA ALA A 97 4.21 6.85 -3.97
C ALA A 97 3.87 7.37 -5.37
N ALA A 98 4.52 8.48 -5.75
CA ALA A 98 4.31 9.09 -7.06
C ALA A 98 5.65 9.50 -7.68
N ALA A 99 6.49 10.16 -6.89
CA ALA A 99 7.80 10.61 -7.33
C ALA A 99 8.88 10.29 -6.29
N PRO A 100 9.21 8.99 -6.11
CA PRO A 100 10.20 8.55 -5.13
C PRO A 100 11.63 8.70 -5.63
N SER A 101 12.57 8.90 -4.71
CA SER A 101 13.99 9.05 -5.05
C SER A 101 14.87 8.65 -3.87
N SER A 102 14.74 7.39 -3.42
CA SER A 102 15.53 6.88 -2.30
C SER A 102 16.88 6.36 -2.77
N SER A 103 16.88 5.50 -3.79
CA SER A 103 18.11 4.93 -4.33
C SER A 103 17.90 4.38 -5.75
N ALA A 104 16.93 3.47 -5.89
CA ALA A 104 16.63 2.86 -7.18
C ALA A 104 15.12 2.84 -7.44
N PRO A 105 14.52 4.01 -7.77
CA PRO A 105 13.07 4.11 -8.04
C PRO A 105 12.60 3.12 -9.11
N GLN A 106 13.25 3.15 -10.27
CA GLN A 106 12.89 2.25 -11.38
C GLN A 106 14.00 2.20 -12.43
N GLU A 107 15.21 1.83 -12.00
CA GLU A 107 16.36 1.74 -12.90
C GLU A 107 16.44 0.38 -13.56
N SER A 108 16.07 -0.68 -12.83
CA SER A 108 16.10 -2.04 -13.35
C SER A 108 15.01 -2.89 -12.70
N GLY A 1 8.98 10.52 6.85
CA GLY A 1 9.36 11.56 7.84
C GLY A 1 10.12 10.98 9.02
N SER A 2 9.39 10.33 9.94
CA SER A 2 10.00 9.73 11.12
C SER A 2 9.40 8.35 11.41
N HIS A 3 10.26 7.41 11.80
CA HIS A 3 9.82 6.04 12.10
C HIS A 3 10.31 5.60 13.48
N MET A 4 9.40 5.02 14.27
CA MET A 4 9.74 4.55 15.62
C MET A 4 9.73 3.03 15.69
N SER A 5 8.61 2.42 15.30
CA SER A 5 8.47 0.96 15.31
C SER A 5 7.60 0.49 14.14
N ALA A 6 8.25 -0.08 13.12
CA ALA A 6 7.54 -0.57 11.94
C ALA A 6 8.22 -1.82 11.37
N GLY A 7 8.48 -2.80 12.24
CA GLY A 7 9.13 -4.03 11.82
C GLY A 7 8.15 -5.18 11.67
N GLU A 8 7.84 -5.85 12.79
CA GLU A 8 6.91 -6.98 12.79
C GLU A 8 6.11 -7.02 14.10
N PRO A 9 4.93 -6.37 14.14
CA PRO A 9 4.07 -6.33 15.34
C PRO A 9 3.30 -7.65 15.53
N HIS A 10 2.19 -7.60 16.27
CA HIS A 10 1.36 -8.79 16.50
C HIS A 10 0.47 -9.06 15.29
N GLU A 11 1.05 -9.71 14.27
CA GLU A 11 0.31 -10.02 13.03
C GLU A 11 -0.06 -11.50 12.98
N THR A 12 -0.81 -11.88 11.94
CA THR A 12 -1.24 -13.26 11.75
C THR A 12 -1.38 -13.59 10.26
N ASP A 13 -2.17 -12.78 9.55
CA ASP A 13 -2.38 -12.96 8.11
C ASP A 13 -2.08 -11.66 7.37
N CYS A 14 -1.09 -11.69 6.49
CA CYS A 14 -0.70 -10.50 5.72
C CYS A 14 -0.97 -10.67 4.23
N SER A 15 -0.53 -11.79 3.65
CA SER A 15 -0.71 -12.05 2.22
C SER A 15 -2.17 -11.86 1.78
N GLU A 16 -3.11 -12.17 2.68
CA GLU A 16 -4.53 -12.02 2.37
C GLU A 16 -4.86 -10.56 2.16
N ILE A 17 -4.23 -9.68 2.95
CA ILE A 17 -4.41 -8.24 2.81
C ILE A 17 -3.86 -7.81 1.47
N LEU A 18 -2.71 -8.35 1.08
CA LEU A 18 -2.18 -8.04 -0.24
C LEU A 18 -3.23 -8.54 -1.21
N ASP A 19 -3.51 -9.86 -1.12
CA ASP A 19 -4.51 -10.50 -1.97
C ASP A 19 -5.75 -9.62 -2.13
N HIS A 20 -6.03 -8.74 -1.14
CA HIS A 20 -7.15 -7.83 -1.24
C HIS A 20 -6.77 -6.73 -2.22
N LEU A 21 -5.74 -5.97 -1.84
CA LEU A 21 -5.23 -4.85 -2.63
C LEU A 21 -5.13 -5.18 -4.13
N TYR A 22 -5.00 -6.46 -4.47
CA TYR A 22 -4.91 -6.85 -5.87
C TYR A 22 -6.30 -7.07 -6.49
N GLU A 23 -7.00 -8.12 -6.05
CA GLU A 23 -8.34 -8.44 -6.58
C GLU A 23 -9.38 -7.41 -6.13
N PHE A 24 -9.19 -6.86 -4.94
CA PHE A 24 -10.08 -5.86 -4.38
C PHE A 24 -10.00 -4.58 -5.20
N LEU A 25 -8.77 -4.18 -5.44
CA LEU A 25 -8.47 -2.96 -6.17
C LEU A 25 -8.76 -3.10 -7.67
N ASP A 26 -8.27 -4.17 -8.29
CA ASP A 26 -8.43 -4.36 -9.74
C ASP A 26 -9.74 -5.05 -10.14
N LYS A 27 -10.19 -6.04 -9.36
CA LYS A 27 -11.38 -6.81 -9.73
C LYS A 27 -12.67 -6.34 -9.04
N GLU A 28 -12.60 -5.86 -7.80
CA GLU A 28 -13.82 -5.43 -7.08
C GLU A 28 -14.41 -4.14 -7.66
N MET A 29 -13.77 -3.00 -7.39
CA MET A 29 -14.24 -1.70 -7.88
C MET A 29 -13.26 -0.59 -7.50
N PRO A 30 -12.23 -0.35 -8.34
CA PRO A 30 -11.19 0.64 -8.09
C PRO A 30 -11.65 1.89 -7.32
N ASP A 31 -12.49 2.74 -7.94
CA ASP A 31 -12.97 3.96 -7.29
C ASP A 31 -13.88 3.68 -6.10
N SER A 32 -14.68 2.62 -6.19
CA SER A 32 -15.58 2.26 -5.10
C SER A 32 -14.89 1.31 -4.13
N ASP A 33 -13.65 1.63 -3.75
CA ASP A 33 -12.88 0.79 -2.82
C ASP A 33 -12.10 1.63 -1.81
N ALA A 34 -11.87 2.93 -2.10
CA ALA A 34 -11.13 3.78 -1.16
C ALA A 34 -11.76 3.79 0.23
N VAL A 35 -13.09 3.91 0.28
CA VAL A 35 -13.81 3.93 1.55
C VAL A 35 -14.05 2.53 2.08
N LYS A 36 -14.10 1.56 1.17
CA LYS A 36 -14.30 0.16 1.52
C LYS A 36 -12.98 -0.48 1.96
N PHE A 37 -11.87 0.12 1.49
CA PHE A 37 -10.54 -0.37 1.85
C PHE A 37 -10.34 -0.24 3.36
N GLU A 38 -10.23 1.01 3.84
CA GLU A 38 -10.01 1.33 5.26
C GLU A 38 -10.50 0.21 6.22
N HIS A 39 -11.73 -0.27 6.02
CA HIS A 39 -12.30 -1.32 6.87
C HIS A 39 -11.37 -2.52 7.02
N HIS A 40 -11.06 -3.16 5.90
CA HIS A 40 -10.19 -4.35 5.88
C HIS A 40 -8.73 -3.96 6.10
N PHE A 41 -8.37 -2.77 5.62
CA PHE A 41 -7.01 -2.26 5.72
C PHE A 41 -6.62 -1.95 7.17
N GLU A 42 -7.62 -1.73 8.03
CA GLU A 42 -7.37 -1.43 9.44
C GLU A 42 -7.30 -2.71 10.27
N GLU A 43 -7.98 -3.76 9.81
CA GLU A 43 -7.99 -5.05 10.53
C GLU A 43 -6.59 -5.63 10.66
N SER A 44 -5.77 -5.47 9.62
CA SER A 44 -4.40 -5.98 9.62
C SER A 44 -3.38 -4.87 9.35
N SER A 45 -3.38 -3.85 10.21
CA SER A 45 -2.44 -2.75 10.06
C SER A 45 -1.00 -3.28 10.08
N PRO A 46 -0.68 -4.22 11.02
CA PRO A 46 0.66 -4.81 11.15
C PRO A 46 1.16 -5.53 9.89
N CYS A 47 0.25 -5.85 8.96
CA CYS A 47 0.67 -6.50 7.71
C CYS A 47 1.32 -5.46 6.81
N LEU A 48 0.75 -4.26 6.85
CA LEU A 48 1.28 -3.15 6.06
C LEU A 48 2.52 -2.53 6.71
N GLU A 49 2.92 -3.05 7.90
CA GLU A 49 4.11 -2.55 8.60
C GLU A 49 5.26 -3.58 8.49
N LYS A 50 5.04 -4.54 7.60
CA LYS A 50 6.05 -5.56 7.30
C LYS A 50 6.86 -5.13 6.07
N TYR A 51 6.14 -4.82 5.02
CA TYR A 51 6.74 -4.39 3.75
C TYR A 51 6.69 -2.87 3.59
N GLY A 52 5.84 -2.20 4.39
CA GLY A 52 5.72 -0.77 4.31
C GLY A 52 4.59 -0.33 3.40
N LEU A 53 3.44 -1.01 3.53
CA LEU A 53 2.27 -0.70 2.71
C LEU A 53 1.35 0.31 3.40
N GLU A 54 1.43 0.40 4.74
CA GLU A 54 0.59 1.34 5.49
C GLU A 54 0.58 2.70 4.79
N GLN A 55 1.78 3.26 4.68
CA GLN A 55 2.02 4.56 4.04
C GLN A 55 1.34 4.64 2.68
N ALA A 56 1.34 3.53 1.95
CA ALA A 56 0.73 3.49 0.61
C ALA A 56 -0.80 3.36 0.68
N VAL A 57 -1.29 2.34 1.40
CA VAL A 57 -2.74 2.10 1.51
C VAL A 57 -3.47 3.35 2.03
N LYS A 58 -2.84 4.10 2.94
CA LYS A 58 -3.44 5.33 3.46
C LYS A 58 -3.79 6.25 2.29
N LYS A 59 -2.90 6.26 1.31
CA LYS A 59 -3.06 7.07 0.12
C LYS A 59 -4.22 6.54 -0.73
N LEU A 60 -4.36 5.22 -0.81
CA LEU A 60 -5.43 4.61 -1.57
C LEU A 60 -6.79 4.92 -0.96
N VAL A 61 -6.84 4.87 0.37
CA VAL A 61 -8.09 5.17 1.08
C VAL A 61 -8.56 6.60 0.78
N LYS A 62 -7.59 7.50 0.61
CA LYS A 62 -7.84 8.90 0.33
C LYS A 62 -8.47 9.10 -1.05
N ARG A 63 -8.15 8.21 -1.99
CA ARG A 63 -8.66 8.29 -3.37
C ARG A 63 -10.09 8.85 -3.41
N ALA A 64 -11.02 8.08 -2.83
CA ALA A 64 -12.43 8.48 -2.79
C ALA A 64 -13.04 8.59 -4.19
N ALA A 65 -14.37 8.68 -4.25
CA ALA A 65 -15.08 8.79 -5.52
C ALA A 65 -15.36 10.24 -5.88
N GLY A 66 -14.99 10.64 -7.10
CA GLY A 66 -15.21 12.01 -7.54
C GLY A 66 -14.06 12.95 -7.19
N GLN A 67 -12.86 12.38 -7.02
CA GLN A 67 -11.67 13.18 -6.69
C GLN A 67 -10.44 12.62 -7.40
N ASP A 68 -9.42 12.21 -6.65
CA ASP A 68 -8.22 11.63 -7.25
C ASP A 68 -8.37 10.12 -7.41
N ASP A 69 -9.63 9.69 -7.62
CA ASP A 69 -9.98 8.30 -7.77
C ASP A 69 -8.93 7.49 -8.51
N VAL A 70 -8.69 6.32 -7.96
CA VAL A 70 -7.73 5.32 -8.45
C VAL A 70 -6.99 5.76 -9.71
N PRO A 71 -5.90 6.52 -9.53
CA PRO A 71 -5.06 6.97 -10.63
C PRO A 71 -4.12 5.85 -11.08
N GLY A 72 -3.51 6.00 -12.24
CA GLY A 72 -2.58 4.98 -12.72
C GLY A 72 -1.26 4.97 -11.97
N ASP A 73 -1.14 5.83 -10.95
CA ASP A 73 0.12 5.93 -10.18
C ASP A 73 0.06 5.25 -8.81
N LEU A 74 -1.12 5.15 -8.17
CA LEU A 74 -1.17 4.49 -6.86
C LEU A 74 -1.30 3.00 -7.07
N ARG A 75 -2.25 2.62 -7.91
CA ARG A 75 -2.48 1.22 -8.21
C ARG A 75 -1.21 0.57 -8.77
N ALA A 76 -0.73 1.12 -9.89
CA ALA A 76 0.48 0.59 -10.54
C ALA A 76 1.64 0.52 -9.57
N LYS A 77 1.66 1.45 -8.64
CA LYS A 77 2.71 1.51 -7.63
C LYS A 77 2.42 0.50 -6.53
N VAL A 78 1.15 0.39 -6.14
CA VAL A 78 0.76 -0.54 -5.09
C VAL A 78 0.77 -1.98 -5.63
N MET A 79 0.07 -2.24 -6.74
CA MET A 79 0.02 -3.57 -7.33
C MET A 79 1.45 -4.08 -7.59
N GLY A 80 2.27 -3.22 -8.21
CA GLY A 80 3.65 -3.58 -8.50
C GLY A 80 4.43 -3.85 -7.24
N ARG A 81 4.01 -3.21 -6.13
CA ARG A 81 4.64 -3.42 -4.84
C ARG A 81 4.17 -4.76 -4.29
N LEU A 82 2.88 -5.05 -4.48
CA LEU A 82 2.33 -6.32 -4.05
C LEU A 82 3.13 -7.41 -4.75
N ASP A 83 3.14 -7.34 -6.08
CA ASP A 83 3.87 -8.28 -6.92
C ASP A 83 5.34 -8.35 -6.47
N LEU A 84 5.84 -7.24 -5.93
CA LEU A 84 7.19 -7.16 -5.40
C LEU A 84 7.25 -7.95 -4.12
N ILE A 85 6.24 -7.68 -3.31
CA ILE A 85 6.06 -8.32 -2.01
C ILE A 85 5.95 -9.83 -2.19
N ARG A 86 5.04 -10.23 -3.07
CA ARG A 86 4.77 -11.61 -3.39
C ARG A 86 5.98 -12.32 -4.01
N SER A 87 6.69 -11.62 -4.90
CA SER A 87 7.86 -12.19 -5.58
C SER A 87 9.17 -11.52 -5.15
N GLY A 88 9.23 -11.02 -3.92
CA GLY A 88 10.43 -10.37 -3.43
C GLY A 88 10.24 -9.68 -2.10
N GLN A 89 11.18 -8.79 -1.74
CA GLN A 89 11.10 -8.05 -0.48
C GLN A 89 11.81 -6.69 -0.56
N SER A 90 12.98 -6.68 -1.21
CA SER A 90 13.77 -5.44 -1.35
C SER A 90 12.90 -4.27 -1.82
N VAL A 91 13.01 -3.14 -1.13
CA VAL A 91 12.25 -1.94 -1.47
C VAL A 91 13.05 -0.67 -1.16
N PRO A 92 13.94 -0.31 -2.10
CA PRO A 92 14.82 0.86 -1.98
C PRO A 92 14.14 2.15 -2.44
N GLU A 93 14.20 3.18 -1.59
CA GLU A 93 13.61 4.49 -1.89
C GLU A 93 12.09 4.41 -2.04
N HIS A 94 11.41 5.53 -1.81
CA HIS A 94 9.95 5.61 -1.91
C HIS A 94 9.51 6.35 -3.16
N ASP A 95 10.47 6.94 -3.90
CA ASP A 95 10.16 7.66 -5.12
C ASP A 95 9.14 8.77 -4.83
N VAL A 96 7.86 8.42 -4.98
CA VAL A 96 6.74 9.32 -4.72
C VAL A 96 5.50 8.48 -4.41
N ALA A 97 5.73 7.27 -3.90
CA ALA A 97 4.64 6.36 -3.56
C ALA A 97 3.88 6.84 -2.33
N ALA A 98 4.63 7.34 -1.35
CA ALA A 98 4.03 7.84 -0.10
C ALA A 98 5.08 8.54 0.75
N ALA A 99 5.14 9.88 0.65
CA ALA A 99 6.11 10.67 1.40
C ALA A 99 7.51 10.09 1.23
N PRO A 100 8.15 10.36 0.08
CA PRO A 100 9.49 9.85 -0.23
C PRO A 100 10.62 10.67 0.39
N SER A 101 11.41 10.04 1.26
CA SER A 101 12.52 10.70 1.92
C SER A 101 13.47 9.67 2.55
N SER A 102 13.92 8.70 1.75
CA SER A 102 14.83 7.66 2.23
C SER A 102 16.29 8.03 1.98
N SER A 103 16.60 8.42 0.73
CA SER A 103 17.95 8.80 0.36
C SER A 103 17.96 10.09 -0.47
N ALA A 104 17.15 10.12 -1.53
CA ALA A 104 17.07 11.29 -2.41
C ALA A 104 15.63 11.81 -2.49
N PRO A 105 15.19 12.62 -1.51
CA PRO A 105 13.82 13.18 -1.48
C PRO A 105 13.45 13.88 -2.80
N GLN A 106 14.33 14.76 -3.28
CA GLN A 106 14.11 15.48 -4.53
C GLN A 106 15.43 15.98 -5.11
N GLU A 107 16.37 15.06 -5.32
CA GLU A 107 17.68 15.41 -5.88
C GLU A 107 17.60 15.54 -7.40
N SER A 108 17.73 16.78 -7.89
CA SER A 108 17.67 17.05 -9.33
C SER A 108 19.01 16.78 -9.99
N GLY A 1 24.86 -2.21 8.12
CA GLY A 1 25.15 -2.27 6.67
C GLY A 1 23.93 -2.61 5.83
N SER A 2 23.04 -1.63 5.66
CA SER A 2 21.80 -1.82 4.89
C SER A 2 20.91 -2.89 5.51
N HIS A 3 19.93 -2.45 6.30
CA HIS A 3 19.00 -3.37 6.96
C HIS A 3 17.64 -3.37 6.25
N MET A 4 17.04 -4.56 6.14
CA MET A 4 15.73 -4.69 5.49
C MET A 4 14.60 -4.67 6.52
N SER A 5 13.52 -3.97 6.19
CA SER A 5 12.36 -3.87 7.08
C SER A 5 11.21 -4.76 6.59
N ALA A 6 11.09 -5.94 7.21
CA ALA A 6 10.04 -6.89 6.84
C ALA A 6 9.66 -7.78 8.03
N GLY A 7 9.38 -7.14 9.17
CA GLY A 7 9.01 -7.89 10.37
C GLY A 7 7.52 -7.82 10.65
N GLU A 8 6.85 -8.97 10.62
CA GLU A 8 5.42 -9.04 10.89
C GLU A 8 5.14 -8.99 12.39
N PRO A 9 4.52 -7.89 12.89
CA PRO A 9 4.23 -7.73 14.33
C PRO A 9 3.01 -8.54 14.79
N HIS A 10 3.10 -9.88 14.69
CA HIS A 10 2.02 -10.77 15.10
C HIS A 10 0.66 -10.31 14.54
N GLU A 11 0.43 -10.60 13.26
CA GLU A 11 -0.82 -10.22 12.59
C GLU A 11 -1.55 -11.45 12.07
N THR A 12 -2.88 -11.46 12.21
CA THR A 12 -3.70 -12.59 11.76
C THR A 12 -3.60 -12.80 10.25
N ASP A 13 -3.61 -11.70 9.49
CA ASP A 13 -3.52 -11.77 8.03
C ASP A 13 -2.35 -10.91 7.53
N CYS A 14 -1.69 -11.39 6.48
CA CYS A 14 -0.54 -10.68 5.90
C CYS A 14 -0.59 -10.68 4.37
N SER A 15 -0.61 -11.88 3.78
CA SER A 15 -0.66 -12.02 2.32
C SER A 15 -2.06 -11.76 1.78
N GLU A 16 -3.08 -12.14 2.55
CA GLU A 16 -4.47 -11.93 2.13
C GLU A 16 -4.75 -10.44 1.97
N ILE A 17 -4.14 -9.64 2.84
CA ILE A 17 -4.27 -8.19 2.75
C ILE A 17 -3.70 -7.73 1.44
N LEU A 18 -2.58 -8.33 1.01
CA LEU A 18 -2.04 -8.00 -0.29
C LEU A 18 -3.09 -8.45 -1.29
N ASP A 19 -3.43 -9.75 -1.23
CA ASP A 19 -4.44 -10.34 -2.11
C ASP A 19 -5.68 -9.45 -2.22
N HIS A 20 -5.92 -8.59 -1.21
CA HIS A 20 -7.04 -7.67 -1.26
C HIS A 20 -6.69 -6.58 -2.25
N LEU A 21 -5.63 -5.84 -1.91
CA LEU A 21 -5.13 -4.74 -2.74
C LEU A 21 -5.04 -5.07 -4.22
N TYR A 22 -4.96 -6.36 -4.58
CA TYR A 22 -4.87 -6.74 -5.99
C TYR A 22 -6.26 -6.89 -6.62
N GLU A 23 -7.02 -7.89 -6.18
CA GLU A 23 -8.37 -8.13 -6.74
C GLU A 23 -9.35 -7.04 -6.31
N PHE A 24 -9.15 -6.50 -5.11
CA PHE A 24 -10.00 -5.44 -4.56
C PHE A 24 -9.81 -4.15 -5.34
N LEU A 25 -8.55 -3.83 -5.52
CA LEU A 25 -8.15 -2.61 -6.21
C LEU A 25 -8.38 -2.69 -7.71
N ASP A 26 -7.92 -3.77 -8.35
CA ASP A 26 -8.03 -3.92 -9.80
C ASP A 26 -9.39 -4.46 -10.29
N LYS A 27 -9.94 -5.43 -9.57
CA LYS A 27 -11.18 -6.07 -10.01
C LYS A 27 -12.45 -5.52 -9.35
N GLU A 28 -12.37 -5.10 -8.08
CA GLU A 28 -13.57 -4.59 -7.38
C GLU A 28 -14.00 -3.21 -7.91
N MET A 29 -13.19 -2.18 -7.67
CA MET A 29 -13.52 -0.81 -8.13
C MET A 29 -12.47 0.18 -7.62
N PRO A 30 -11.45 0.49 -8.46
CA PRO A 30 -10.36 1.42 -8.11
C PRO A 30 -10.81 2.65 -7.30
N ASP A 31 -11.91 3.28 -7.70
CA ASP A 31 -12.41 4.47 -7.00
C ASP A 31 -13.40 4.10 -5.89
N SER A 32 -14.29 3.13 -6.16
CA SER A 32 -15.27 2.70 -5.17
C SER A 32 -14.67 1.62 -4.26
N ASP A 33 -13.46 1.88 -3.77
CA ASP A 33 -12.77 0.92 -2.89
C ASP A 33 -12.13 1.61 -1.69
N ALA A 34 -11.82 2.91 -1.82
CA ALA A 34 -11.20 3.65 -0.72
C ALA A 34 -12.03 3.58 0.57
N VAL A 35 -13.35 3.77 0.45
CA VAL A 35 -14.23 3.73 1.62
C VAL A 35 -14.34 2.32 2.19
N LYS A 36 -14.20 1.32 1.33
CA LYS A 36 -14.24 -0.08 1.76
C LYS A 36 -12.83 -0.55 2.12
N PHE A 37 -11.84 0.26 1.73
CA PHE A 37 -10.43 -0.03 2.01
C PHE A 37 -10.06 0.29 3.45
N GLU A 38 -10.99 0.84 4.23
CA GLU A 38 -10.69 1.18 5.63
C GLU A 38 -11.19 0.09 6.59
N HIS A 39 -11.76 -0.98 6.05
CA HIS A 39 -12.26 -2.09 6.87
C HIS A 39 -11.27 -3.24 6.91
N HIS A 40 -10.69 -3.56 5.75
CA HIS A 40 -9.72 -4.65 5.62
C HIS A 40 -8.30 -4.16 5.90
N PHE A 41 -8.08 -2.87 5.63
CA PHE A 41 -6.78 -2.25 5.83
C PHE A 41 -6.49 -1.97 7.31
N GLU A 42 -7.55 -1.94 8.13
CA GLU A 42 -7.40 -1.68 9.57
C GLU A 42 -7.20 -2.97 10.38
N GLU A 43 -7.93 -4.04 9.99
CA GLU A 43 -7.85 -5.32 10.71
C GLU A 43 -6.40 -5.83 10.87
N SER A 44 -5.67 -5.92 9.76
CA SER A 44 -4.27 -6.38 9.80
C SER A 44 -3.33 -5.32 9.24
N SER A 45 -3.47 -4.10 9.74
CA SER A 45 -2.64 -2.98 9.30
C SER A 45 -1.16 -3.23 9.62
N PRO A 46 -0.84 -3.74 10.83
CA PRO A 46 0.55 -4.01 11.26
C PRO A 46 1.33 -4.99 10.37
N CYS A 47 0.66 -5.72 9.47
CA CYS A 47 1.35 -6.64 8.57
C CYS A 47 1.63 -5.94 7.26
N LEU A 48 0.67 -5.14 6.83
CA LEU A 48 0.83 -4.35 5.63
C LEU A 48 1.61 -3.10 5.99
N GLU A 49 1.80 -2.88 7.31
CA GLU A 49 2.49 -1.70 7.80
C GLU A 49 3.96 -1.62 7.40
N LYS A 50 4.81 -2.60 7.76
CA LYS A 50 6.24 -2.50 7.45
C LYS A 50 6.59 -3.14 6.12
N TYR A 51 5.59 -3.63 5.41
CA TYR A 51 5.82 -4.20 4.09
C TYR A 51 5.84 -3.08 3.06
N GLY A 52 5.59 -1.86 3.54
CA GLY A 52 5.58 -0.70 2.68
C GLY A 52 4.25 -0.51 1.98
N LEU A 53 3.17 -0.83 2.70
CA LEU A 53 1.83 -0.71 2.15
C LEU A 53 1.01 0.36 2.88
N GLU A 54 1.10 0.44 4.22
CA GLU A 54 0.32 1.45 4.95
C GLU A 54 0.47 2.82 4.28
N GLN A 55 1.70 3.26 4.19
CA GLN A 55 2.03 4.54 3.55
C GLN A 55 1.35 4.65 2.19
N ALA A 56 1.26 3.51 1.49
CA ALA A 56 0.61 3.47 0.18
C ALA A 56 -0.91 3.36 0.30
N VAL A 57 -1.40 2.36 1.05
CA VAL A 57 -2.83 2.14 1.23
C VAL A 57 -3.52 3.37 1.84
N LYS A 58 -2.89 4.00 2.83
CA LYS A 58 -3.45 5.21 3.45
C LYS A 58 -3.72 6.24 2.36
N LYS A 59 -2.81 6.27 1.40
CA LYS A 59 -2.89 7.16 0.27
C LYS A 59 -4.05 6.75 -0.65
N LEU A 60 -4.29 5.44 -0.76
CA LEU A 60 -5.38 4.91 -1.57
C LEU A 60 -6.73 5.28 -0.95
N VAL A 61 -6.81 5.13 0.38
CA VAL A 61 -8.05 5.44 1.10
C VAL A 61 -8.42 6.91 0.93
N LYS A 62 -7.39 7.76 0.94
CA LYS A 62 -7.54 9.19 0.81
C LYS A 62 -8.32 9.59 -0.46
N ARG A 63 -8.16 8.80 -1.53
CA ARG A 63 -8.85 9.06 -2.80
C ARG A 63 -10.36 9.13 -2.60
N ALA A 64 -10.97 7.98 -2.28
CA ALA A 64 -12.42 7.90 -2.05
C ALA A 64 -13.23 8.55 -3.18
N ALA A 65 -12.78 8.37 -4.43
CA ALA A 65 -13.46 8.93 -5.59
C ALA A 65 -13.75 10.42 -5.42
N GLY A 66 -12.70 11.24 -5.41
CA GLY A 66 -12.86 12.68 -5.26
C GLY A 66 -11.59 13.37 -4.83
N GLN A 67 -11.02 12.94 -3.71
CA GLN A 67 -9.78 13.54 -3.20
C GLN A 67 -8.56 12.74 -3.65
N ASP A 68 -8.29 12.80 -4.97
CA ASP A 68 -7.16 12.09 -5.61
C ASP A 68 -7.71 11.03 -6.57
N ASP A 69 -8.94 10.57 -6.29
CA ASP A 69 -9.63 9.57 -7.11
C ASP A 69 -8.81 8.30 -7.38
N VAL A 70 -7.85 8.40 -8.31
CA VAL A 70 -6.99 7.26 -8.69
C VAL A 70 -5.93 7.72 -9.69
N PRO A 71 -4.82 8.29 -9.19
CA PRO A 71 -3.72 8.78 -10.04
C PRO A 71 -3.24 7.75 -11.07
N GLY A 72 -3.53 6.48 -10.83
CA GLY A 72 -3.09 5.43 -11.74
C GLY A 72 -1.69 4.96 -11.36
N ASP A 73 -0.91 5.88 -10.77
CA ASP A 73 0.43 5.59 -10.33
C ASP A 73 0.41 4.94 -8.95
N LEU A 74 -0.72 5.02 -8.23
CA LEU A 74 -0.81 4.39 -6.90
C LEU A 74 -1.04 2.91 -7.07
N ARG A 75 -2.03 2.59 -7.91
CA ARG A 75 -2.37 1.20 -8.19
C ARG A 75 -1.16 0.46 -8.73
N ALA A 76 -0.64 0.94 -9.86
CA ALA A 76 0.50 0.32 -10.52
C ALA A 76 1.65 0.14 -9.55
N LYS A 77 1.72 1.06 -8.59
CA LYS A 77 2.75 1.03 -7.56
C LYS A 77 2.37 -0.03 -6.52
N VAL A 78 1.08 -0.07 -6.19
CA VAL A 78 0.55 -1.04 -5.23
C VAL A 78 0.66 -2.45 -5.80
N MET A 79 0.05 -2.67 -6.97
CA MET A 79 0.09 -4.00 -7.61
C MET A 79 1.54 -4.45 -7.79
N GLY A 80 2.39 -3.54 -8.28
CA GLY A 80 3.79 -3.86 -8.48
C GLY A 80 4.51 -4.19 -7.18
N ARG A 81 4.12 -3.53 -6.10
CA ARG A 81 4.72 -3.79 -4.79
C ARG A 81 4.25 -5.15 -4.30
N LEU A 82 2.96 -5.44 -4.51
CA LEU A 82 2.41 -6.73 -4.12
C LEU A 82 3.19 -7.79 -4.88
N ASP A 83 3.22 -7.64 -6.20
CA ASP A 83 3.94 -8.57 -7.07
C ASP A 83 5.38 -8.74 -6.58
N LEU A 84 5.91 -7.72 -5.92
CA LEU A 84 7.24 -7.76 -5.36
C LEU A 84 7.18 -8.45 -4.00
N ILE A 85 6.15 -8.10 -3.22
CA ILE A 85 5.93 -8.69 -1.90
C ILE A 85 5.74 -10.20 -2.04
N ARG A 86 4.79 -10.59 -2.88
CA ARG A 86 4.48 -12.00 -3.15
C ARG A 86 5.68 -12.76 -3.73
N SER A 87 6.50 -12.05 -4.52
CA SER A 87 7.68 -12.66 -5.15
C SER A 87 8.99 -12.04 -4.64
N GLY A 88 8.98 -11.55 -3.40
CA GLY A 88 10.17 -10.93 -2.83
C GLY A 88 9.97 -10.43 -1.42
N GLN A 89 10.81 -9.49 -0.98
CA GLN A 89 10.72 -8.91 0.36
C GLN A 89 11.01 -7.41 0.37
N SER A 90 12.18 -7.02 -0.14
CA SER A 90 12.59 -5.61 -0.20
C SER A 90 11.47 -4.74 -0.75
N VAL A 91 11.35 -3.52 -0.22
CA VAL A 91 10.31 -2.58 -0.66
C VAL A 91 10.78 -1.13 -0.53
N PRO A 92 11.60 -0.73 -1.51
CA PRO A 92 12.15 0.62 -1.59
C PRO A 92 11.21 1.61 -2.27
N GLU A 93 11.49 2.92 -2.10
CA GLU A 93 10.69 3.99 -2.70
C GLU A 93 9.23 3.93 -2.21
N HIS A 94 8.88 4.82 -1.27
CA HIS A 94 7.52 4.89 -0.72
C HIS A 94 7.26 6.24 -0.06
N ASP A 95 7.84 7.30 -0.61
CA ASP A 95 7.65 8.65 -0.08
C ASP A 95 6.49 9.34 -0.79
N VAL A 96 5.43 9.62 -0.03
CA VAL A 96 4.22 10.27 -0.56
C VAL A 96 3.54 9.48 -1.68
N ALA A 97 4.13 8.34 -2.05
CA ALA A 97 3.57 7.46 -3.10
C ALA A 97 3.25 8.22 -4.39
N ALA A 98 3.81 9.43 -4.52
CA ALA A 98 3.59 10.26 -5.71
C ALA A 98 4.85 11.08 -6.05
N ALA A 99 6.01 10.62 -5.57
CA ALA A 99 7.27 11.29 -5.82
C ALA A 99 8.46 10.40 -5.40
N PRO A 100 8.85 9.44 -6.26
CA PRO A 100 9.96 8.52 -5.96
C PRO A 100 11.32 9.22 -6.02
N SER A 101 11.98 9.35 -4.86
CA SER A 101 13.28 10.00 -4.77
C SER A 101 14.01 9.59 -3.49
N SER A 102 14.07 8.28 -3.23
CA SER A 102 14.74 7.75 -2.04
C SER A 102 16.23 7.51 -2.30
N SER A 103 16.53 6.81 -3.41
CA SER A 103 17.92 6.51 -3.77
C SER A 103 18.16 6.75 -5.27
N ALA A 104 17.29 6.17 -6.11
CA ALA A 104 17.41 6.32 -7.56
C ALA A 104 16.14 6.90 -8.16
N PRO A 105 15.99 8.25 -8.14
CA PRO A 105 14.81 8.95 -8.68
C PRO A 105 14.47 8.52 -10.12
N GLN A 106 15.49 8.45 -10.97
CA GLN A 106 15.30 8.06 -12.37
C GLN A 106 16.38 7.07 -12.82
N GLU A 107 16.68 6.09 -11.95
CA GLU A 107 17.69 5.07 -12.25
C GLU A 107 18.99 5.68 -12.79
N SER A 108 19.83 6.16 -11.87
CA SER A 108 21.11 6.77 -12.24
C SER A 108 22.28 5.88 -11.85
N GLY A 1 4.62 4.84 29.20
CA GLY A 1 3.90 5.37 28.01
C GLY A 1 4.83 5.84 26.92
N SER A 2 5.42 4.89 26.19
CA SER A 2 6.36 5.21 25.10
C SER A 2 5.81 4.73 23.76
N HIS A 3 5.98 5.54 22.72
CA HIS A 3 5.51 5.21 21.38
C HIS A 3 6.65 4.70 20.51
N MET A 4 6.36 3.68 19.70
CA MET A 4 7.37 3.08 18.81
C MET A 4 6.89 3.12 17.36
N SER A 5 7.85 3.29 16.43
CA SER A 5 7.53 3.33 15.01
C SER A 5 7.60 1.95 14.38
N ALA A 6 8.65 1.19 14.71
CA ALA A 6 8.84 -0.15 14.18
C ALA A 6 8.31 -1.21 15.16
N GLY A 7 7.06 -1.05 15.58
CA GLY A 7 6.45 -1.99 16.52
C GLY A 7 5.72 -3.12 15.81
N GLU A 8 6.47 -4.11 15.33
CA GLU A 8 5.90 -5.26 14.63
C GLU A 8 5.06 -6.12 15.58
N PRO A 9 3.71 -6.15 15.39
CA PRO A 9 2.81 -6.93 16.24
C PRO A 9 2.59 -8.35 15.73
N HIS A 10 1.68 -9.09 16.38
CA HIS A 10 1.37 -10.46 15.97
C HIS A 10 0.35 -10.46 14.84
N GLU A 11 0.75 -11.01 13.69
CA GLU A 11 -0.14 -11.07 12.52
C GLU A 11 -0.64 -12.49 12.28
N THR A 12 -1.53 -12.66 11.30
CA THR A 12 -2.09 -13.96 10.98
C THR A 12 -2.22 -14.14 9.46
N ASP A 13 -2.99 -13.25 8.83
CA ASP A 13 -3.19 -13.28 7.38
C ASP A 13 -2.67 -12.00 6.74
N CYS A 14 -1.46 -12.07 6.17
CA CYS A 14 -0.85 -10.90 5.55
C CYS A 14 -1.06 -10.89 4.04
N SER A 15 -0.63 -11.97 3.36
CA SER A 15 -0.77 -12.06 1.90
C SER A 15 -2.19 -11.74 1.43
N GLU A 16 -3.18 -12.01 2.29
CA GLU A 16 -4.58 -11.76 1.94
C GLU A 16 -4.85 -10.26 1.79
N ILE A 17 -4.37 -9.47 2.75
CA ILE A 17 -4.53 -8.01 2.69
C ILE A 17 -3.95 -7.53 1.39
N LEU A 18 -2.77 -8.00 1.03
CA LEU A 18 -2.20 -7.63 -0.24
C LEU A 18 -3.15 -8.16 -1.29
N ASP A 19 -3.41 -9.49 -1.22
CA ASP A 19 -4.34 -10.13 -2.15
C ASP A 19 -5.60 -9.32 -2.32
N HIS A 20 -5.94 -8.46 -1.35
CA HIS A 20 -7.08 -7.58 -1.47
C HIS A 20 -6.69 -6.46 -2.42
N LEU A 21 -5.71 -5.67 -1.97
CA LEU A 21 -5.19 -4.53 -2.74
C LEU A 21 -5.06 -4.81 -4.24
N TYR A 22 -4.87 -6.07 -4.62
CA TYR A 22 -4.73 -6.41 -6.04
C TYR A 22 -6.10 -6.64 -6.69
N GLU A 23 -6.80 -7.70 -6.29
CA GLU A 23 -8.11 -8.04 -6.85
C GLU A 23 -9.18 -6.99 -6.45
N PHE A 24 -8.98 -6.40 -5.29
CA PHE A 24 -9.88 -5.39 -4.74
C PHE A 24 -9.74 -4.08 -5.51
N LEU A 25 -8.52 -3.63 -5.60
CA LEU A 25 -8.19 -2.37 -6.26
C LEU A 25 -8.31 -2.46 -7.78
N ASP A 26 -7.68 -3.48 -8.39
CA ASP A 26 -7.67 -3.63 -9.85
C ASP A 26 -9.05 -3.85 -10.50
N LYS A 27 -9.98 -4.52 -9.82
CA LYS A 27 -11.28 -4.80 -10.46
C LYS A 27 -12.51 -4.51 -9.60
N GLU A 28 -12.43 -4.75 -8.29
CA GLU A 28 -13.58 -4.53 -7.41
C GLU A 28 -14.27 -3.18 -7.67
N MET A 29 -13.52 -2.08 -7.50
CA MET A 29 -14.05 -0.73 -7.73
C MET A 29 -13.03 0.33 -7.35
N PRO A 30 -11.92 0.45 -8.13
CA PRO A 30 -10.84 1.40 -7.91
C PRO A 30 -11.21 2.64 -7.08
N ASP A 31 -12.26 3.37 -7.48
CA ASP A 31 -12.68 4.58 -6.75
C ASP A 31 -13.59 4.23 -5.59
N SER A 32 -14.51 3.29 -5.78
CA SER A 32 -15.42 2.87 -4.71
C SER A 32 -14.78 1.77 -3.87
N ASP A 33 -13.48 1.94 -3.58
CA ASP A 33 -12.72 0.98 -2.80
C ASP A 33 -12.04 1.63 -1.60
N ALA A 34 -11.73 2.94 -1.70
CA ALA A 34 -11.07 3.64 -0.59
C ALA A 34 -11.89 3.57 0.70
N VAL A 35 -13.21 3.67 0.57
CA VAL A 35 -14.09 3.60 1.73
C VAL A 35 -14.29 2.15 2.18
N LYS A 36 -14.15 1.23 1.23
CA LYS A 36 -14.28 -0.20 1.53
C LYS A 36 -12.92 -0.74 2.00
N PHE A 37 -11.85 -0.07 1.56
CA PHE A 37 -10.48 -0.44 1.94
C PHE A 37 -10.34 -0.30 3.46
N GLU A 38 -10.31 0.95 3.95
CA GLU A 38 -10.17 1.26 5.38
C GLU A 38 -10.57 0.09 6.31
N HIS A 39 -11.75 -0.49 6.06
CA HIS A 39 -12.25 -1.61 6.87
C HIS A 39 -11.23 -2.74 7.01
N HIS A 40 -10.84 -3.31 5.86
CA HIS A 40 -9.86 -4.42 5.83
C HIS A 40 -8.44 -3.93 6.08
N PHE A 41 -8.17 -2.68 5.69
CA PHE A 41 -6.85 -2.09 5.84
C PHE A 41 -6.55 -1.74 7.31
N GLU A 42 -7.58 -1.65 8.15
CA GLU A 42 -7.39 -1.33 9.57
C GLU A 42 -6.78 -2.51 10.31
N GLU A 43 -7.37 -3.70 10.13
CA GLU A 43 -6.86 -4.92 10.77
C GLU A 43 -5.53 -5.33 10.17
N SER A 44 -5.26 -4.84 8.96
CA SER A 44 -4.03 -5.13 8.22
C SER A 44 -2.78 -4.56 8.89
N SER A 45 -2.94 -3.64 9.84
CA SER A 45 -1.81 -3.01 10.53
C SER A 45 -0.59 -3.96 10.64
N PRO A 46 -0.75 -5.17 11.23
CA PRO A 46 0.36 -6.13 11.38
C PRO A 46 1.00 -6.56 10.07
N CYS A 47 0.21 -6.67 9.00
CA CYS A 47 0.74 -7.05 7.70
C CYS A 47 1.30 -5.83 6.99
N LEU A 48 0.58 -4.72 7.15
CA LEU A 48 0.92 -3.46 6.55
C LEU A 48 2.12 -2.78 7.24
N GLU A 49 2.61 -3.36 8.35
CA GLU A 49 3.78 -2.83 9.05
C GLU A 49 4.92 -3.84 9.01
N LYS A 50 4.70 -4.87 8.18
CA LYS A 50 5.67 -5.92 7.94
C LYS A 50 6.46 -5.64 6.66
N TYR A 51 5.96 -4.69 5.88
CA TYR A 51 6.60 -4.30 4.61
C TYR A 51 6.60 -2.78 4.43
N GLY A 52 5.71 -2.08 5.14
CA GLY A 52 5.64 -0.63 5.03
C GLY A 52 4.59 -0.20 4.04
N LEU A 53 3.44 -0.89 4.03
CA LEU A 53 2.35 -0.57 3.13
C LEU A 53 1.39 0.46 3.73
N GLU A 54 1.40 0.62 5.05
CA GLU A 54 0.51 1.60 5.70
C GLU A 54 0.56 2.95 4.96
N GLN A 55 1.76 3.51 4.92
CA GLN A 55 2.02 4.78 4.23
C GLN A 55 1.44 4.75 2.81
N ALA A 56 1.50 3.59 2.17
CA ALA A 56 1.00 3.43 0.80
C ALA A 56 -0.53 3.38 0.74
N VAL A 57 -1.15 2.40 1.41
CA VAL A 57 -2.62 2.24 1.40
C VAL A 57 -3.34 3.51 1.88
N LYS A 58 -2.70 4.27 2.77
CA LYS A 58 -3.30 5.52 3.27
C LYS A 58 -3.61 6.42 2.07
N LYS A 59 -2.69 6.40 1.11
CA LYS A 59 -2.84 7.18 -0.11
C LYS A 59 -4.03 6.68 -0.92
N LEU A 60 -4.24 5.35 -0.90
CA LEU A 60 -5.38 4.75 -1.59
C LEU A 60 -6.67 5.16 -0.93
N VAL A 61 -6.66 5.18 0.40
CA VAL A 61 -7.84 5.59 1.17
C VAL A 61 -8.37 6.94 0.66
N LYS A 62 -7.44 7.84 0.37
CA LYS A 62 -7.76 9.18 -0.13
C LYS A 62 -8.68 9.13 -1.36
N ARG A 63 -8.53 8.10 -2.19
CA ARG A 63 -9.35 7.96 -3.40
C ARG A 63 -10.79 8.42 -3.14
N ALA A 64 -11.37 7.90 -2.06
CA ALA A 64 -12.74 8.25 -1.62
C ALA A 64 -13.54 9.02 -2.69
N ALA A 65 -13.65 10.35 -2.52
CA ALA A 65 -14.40 11.18 -3.46
C ALA A 65 -13.85 12.61 -3.50
N GLY A 66 -13.75 13.26 -2.33
CA GLY A 66 -13.23 14.62 -2.27
C GLY A 66 -11.90 14.77 -2.97
N GLN A 67 -10.86 14.20 -2.36
CA GLN A 67 -9.52 14.23 -2.96
C GLN A 67 -9.52 13.44 -4.26
N ASP A 68 -9.68 12.11 -4.13
CA ASP A 68 -9.76 11.22 -5.28
C ASP A 68 -8.76 11.54 -6.38
N ASP A 69 -7.55 11.96 -5.99
CA ASP A 69 -6.50 12.26 -6.96
C ASP A 69 -6.48 11.21 -8.08
N VAL A 70 -6.70 9.94 -7.70
CA VAL A 70 -6.74 8.80 -8.64
C VAL A 70 -5.84 9.03 -9.85
N PRO A 71 -4.53 8.81 -9.66
CA PRO A 71 -3.54 8.97 -10.72
C PRO A 71 -3.48 7.76 -11.64
N GLY A 72 -4.27 6.73 -11.36
CA GLY A 72 -4.25 5.52 -12.17
C GLY A 72 -3.01 4.69 -11.88
N ASP A 73 -1.87 5.37 -11.84
CA ASP A 73 -0.59 4.73 -11.57
C ASP A 73 -0.44 4.35 -10.09
N LEU A 74 -1.43 4.69 -9.24
CA LEU A 74 -1.34 4.32 -7.84
C LEU A 74 -1.44 2.81 -7.72
N ARG A 75 -2.47 2.26 -8.36
CA ARG A 75 -2.70 0.82 -8.38
C ARG A 75 -1.45 0.11 -8.91
N ALA A 76 -1.02 0.53 -10.11
CA ALA A 76 0.15 -0.05 -10.76
C ALA A 76 1.34 -0.03 -9.80
N LYS A 77 1.36 0.99 -8.95
CA LYS A 77 2.39 1.15 -7.95
C LYS A 77 2.12 0.18 -6.80
N VAL A 78 0.84 0.11 -6.41
CA VAL A 78 0.40 -0.78 -5.33
C VAL A 78 0.58 -2.24 -5.76
N MET A 79 -0.08 -2.62 -6.86
CA MET A 79 0.02 -3.99 -7.36
C MET A 79 1.49 -4.38 -7.51
N GLY A 80 2.29 -3.46 -8.05
CA GLY A 80 3.71 -3.69 -8.24
C GLY A 80 4.44 -3.87 -6.92
N ARG A 81 3.95 -3.20 -5.87
CA ARG A 81 4.54 -3.33 -4.55
C ARG A 81 4.16 -4.69 -3.98
N LEU A 82 2.90 -5.07 -4.17
CA LEU A 82 2.43 -6.38 -3.73
C LEU A 82 3.28 -7.43 -4.42
N ASP A 83 3.29 -7.38 -5.75
CA ASP A 83 4.07 -8.30 -6.57
C ASP A 83 5.51 -8.34 -6.07
N LEU A 84 5.97 -7.21 -5.51
CA LEU A 84 7.29 -7.09 -4.95
C LEU A 84 7.34 -7.74 -3.57
N ILE A 85 6.26 -7.48 -2.80
CA ILE A 85 6.13 -8.01 -1.45
C ILE A 85 5.99 -9.54 -1.48
N ARG A 86 5.02 -10.02 -2.26
CA ARG A 86 4.77 -11.45 -2.40
C ARG A 86 6.02 -12.20 -2.92
N SER A 87 6.80 -11.53 -3.76
CA SER A 87 8.01 -12.12 -4.33
C SER A 87 9.24 -11.90 -3.44
N GLY A 88 9.30 -10.73 -2.78
CA GLY A 88 10.44 -10.42 -1.93
C GLY A 88 10.14 -9.35 -0.90
N GLN A 89 11.19 -8.81 -0.26
CA GLN A 89 11.04 -7.78 0.77
C GLN A 89 11.44 -6.39 0.26
N SER A 90 12.31 -6.33 -0.75
CA SER A 90 12.78 -5.06 -1.30
C SER A 90 11.61 -4.12 -1.63
N VAL A 91 11.88 -2.81 -1.60
CA VAL A 91 10.86 -1.80 -1.89
C VAL A 91 11.49 -0.50 -2.40
N PRO A 92 10.91 0.08 -3.47
CA PRO A 92 11.37 1.33 -4.08
C PRO A 92 11.31 2.52 -3.13
N GLU A 93 11.60 3.72 -3.66
CA GLU A 93 11.58 4.97 -2.90
C GLU A 93 10.53 4.95 -1.78
N HIS A 94 9.25 4.80 -2.16
CA HIS A 94 8.15 4.76 -1.19
C HIS A 94 8.13 6.01 -0.31
N ASP A 95 8.17 7.19 -0.93
CA ASP A 95 8.16 8.45 -0.21
C ASP A 95 6.72 8.97 -0.08
N VAL A 96 6.06 9.19 -1.22
CA VAL A 96 4.70 9.68 -1.25
C VAL A 96 3.79 8.78 -2.09
N ALA A 97 4.38 7.76 -2.72
CA ALA A 97 3.62 6.83 -3.57
C ALA A 97 3.03 7.55 -4.79
N ALA A 98 3.43 8.81 -4.98
CA ALA A 98 2.96 9.62 -6.10
C ALA A 98 4.15 10.29 -6.78
N ALA A 99 5.00 10.95 -5.98
CA ALA A 99 6.19 11.62 -6.49
C ALA A 99 7.43 11.17 -5.71
N PRO A 100 7.94 9.95 -6.01
CA PRO A 100 9.10 9.39 -5.33
C PRO A 100 10.42 10.05 -5.74
N SER A 101 11.25 10.39 -4.75
CA SER A 101 12.54 11.03 -4.99
C SER A 101 13.46 10.90 -3.76
N SER A 102 13.60 9.68 -3.24
CA SER A 102 14.44 9.43 -2.07
C SER A 102 15.86 9.03 -2.48
N SER A 103 15.97 8.10 -3.43
CA SER A 103 17.28 7.63 -3.91
C SER A 103 17.37 7.70 -5.44
N ALA A 104 16.38 7.12 -6.12
CA ALA A 104 16.35 7.11 -7.58
C ALA A 104 15.03 7.70 -8.11
N PRO A 105 14.93 9.04 -8.18
CA PRO A 105 13.72 9.73 -8.67
C PRO A 105 13.24 9.20 -10.03
N GLN A 106 14.18 9.10 -10.98
CA GLN A 106 13.86 8.60 -12.32
C GLN A 106 15.12 8.06 -13.00
N GLU A 107 15.78 7.10 -12.34
CA GLU A 107 17.00 6.49 -12.88
C GLU A 107 16.65 5.41 -13.90
N SER A 108 16.98 5.65 -15.17
CA SER A 108 16.69 4.70 -16.24
C SER A 108 17.75 3.61 -16.29
N GLY A 1 16.47 -20.05 11.77
CA GLY A 1 15.75 -18.75 11.66
C GLY A 1 14.79 -18.72 10.47
N SER A 2 13.65 -18.05 10.66
CA SER A 2 12.64 -17.94 9.60
C SER A 2 12.70 -16.57 8.93
N HIS A 3 12.66 -15.51 9.74
CA HIS A 3 12.70 -14.14 9.22
C HIS A 3 13.83 -13.35 9.91
N MET A 4 14.56 -12.56 9.11
CA MET A 4 15.65 -11.74 9.62
C MET A 4 15.36 -10.26 9.44
N SER A 5 15.05 -9.85 8.21
CA SER A 5 14.75 -8.46 7.90
C SER A 5 13.24 -8.19 7.95
N ALA A 6 12.46 -9.12 7.40
CA ALA A 6 10.99 -8.98 7.39
C ALA A 6 10.38 -9.66 8.60
N GLY A 7 10.78 -9.21 9.79
CA GLY A 7 10.25 -9.78 11.03
C GLY A 7 8.93 -9.14 11.44
N GLU A 8 7.82 -9.81 11.12
CA GLU A 8 6.50 -9.31 11.46
C GLU A 8 6.22 -9.45 12.97
N PRO A 9 5.53 -8.46 13.57
CA PRO A 9 5.21 -8.49 15.02
C PRO A 9 4.07 -9.46 15.37
N HIS A 10 4.31 -10.75 15.13
CA HIS A 10 3.31 -11.80 15.42
C HIS A 10 1.94 -11.45 14.81
N GLU A 11 1.72 -11.90 13.57
CA GLU A 11 0.46 -11.63 12.88
C GLU A 11 -0.16 -12.93 12.34
N THR A 12 -1.30 -12.82 11.65
CA THR A 12 -1.98 -13.98 11.09
C THR A 12 -2.20 -13.84 9.58
N ASP A 13 -3.22 -13.07 9.17
CA ASP A 13 -3.52 -12.88 7.75
C ASP A 13 -2.87 -11.59 7.23
N CYS A 14 -1.79 -11.74 6.47
CA CYS A 14 -1.06 -10.59 5.92
C CYS A 14 -1.11 -10.57 4.40
N SER A 15 -0.72 -11.69 3.78
CA SER A 15 -0.72 -11.79 2.31
C SER A 15 -2.12 -11.61 1.75
N GLU A 16 -3.13 -11.95 2.55
CA GLU A 16 -4.52 -11.81 2.14
C GLU A 16 -4.86 -10.35 1.94
N ILE A 17 -4.37 -9.49 2.83
CA ILE A 17 -4.58 -8.05 2.70
C ILE A 17 -4.09 -7.61 1.36
N LEU A 18 -2.92 -8.09 0.97
CA LEU A 18 -2.41 -7.79 -0.35
C LEU A 18 -3.41 -8.36 -1.33
N ASP A 19 -3.65 -9.68 -1.22
CA ASP A 19 -4.59 -10.38 -2.08
C ASP A 19 -5.83 -9.55 -2.39
N HIS A 20 -6.30 -8.69 -1.45
CA HIS A 20 -7.45 -7.85 -1.76
C HIS A 20 -6.97 -6.71 -2.64
N LEU A 21 -6.01 -5.93 -2.14
CA LEU A 21 -5.47 -4.79 -2.89
C LEU A 21 -5.24 -5.10 -4.36
N TYR A 22 -5.06 -6.37 -4.71
CA TYR A 22 -4.85 -6.74 -6.10
C TYR A 22 -6.19 -6.96 -6.79
N GLU A 23 -6.84 -8.07 -6.42
CA GLU A 23 -8.15 -8.43 -7.00
C GLU A 23 -9.25 -7.44 -6.60
N PHE A 24 -9.10 -6.85 -5.42
CA PHE A 24 -10.08 -5.88 -4.89
C PHE A 24 -9.96 -4.56 -5.63
N LEU A 25 -8.74 -4.07 -5.69
CA LEU A 25 -8.44 -2.79 -6.32
C LEU A 25 -8.50 -2.87 -7.85
N ASP A 26 -7.80 -3.84 -8.44
CA ASP A 26 -7.74 -3.96 -9.91
C ASP A 26 -9.07 -4.29 -10.60
N LYS A 27 -9.81 -5.30 -10.11
CA LYS A 27 -11.06 -5.69 -10.78
C LYS A 27 -12.33 -5.43 -9.98
N GLU A 28 -12.29 -5.59 -8.67
CA GLU A 28 -13.48 -5.39 -7.84
C GLU A 28 -14.07 -3.98 -8.01
N MET A 29 -13.28 -2.95 -7.71
CA MET A 29 -13.73 -1.56 -7.83
C MET A 29 -12.62 -0.57 -7.44
N PRO A 30 -11.81 -0.12 -8.42
CA PRO A 30 -10.69 0.82 -8.17
C PRO A 30 -11.08 2.05 -7.34
N ASP A 31 -12.14 2.76 -7.75
CA ASP A 31 -12.59 3.96 -7.04
C ASP A 31 -13.58 3.65 -5.92
N SER A 32 -14.41 2.61 -6.12
CA SER A 32 -15.37 2.22 -5.09
C SER A 32 -14.74 1.27 -4.09
N ASP A 33 -13.52 1.60 -3.65
CA ASP A 33 -12.79 0.77 -2.68
C ASP A 33 -12.16 1.63 -1.58
N ALA A 34 -12.02 2.94 -1.80
CA ALA A 34 -11.42 3.82 -0.79
C ALA A 34 -12.13 3.69 0.56
N VAL A 35 -13.45 3.62 0.53
CA VAL A 35 -14.24 3.47 1.76
C VAL A 35 -14.11 2.07 2.33
N LYS A 36 -13.85 1.10 1.47
CA LYS A 36 -13.66 -0.29 1.89
C LYS A 36 -12.19 -0.51 2.26
N PHE A 37 -11.33 0.38 1.75
CA PHE A 37 -9.89 0.30 2.00
C PHE A 37 -9.54 0.69 3.45
N GLU A 38 -10.54 1.03 4.26
CA GLU A 38 -10.26 1.41 5.66
C GLU A 38 -10.64 0.28 6.64
N HIS A 39 -11.25 -0.80 6.13
CA HIS A 39 -11.66 -1.94 6.97
C HIS A 39 -10.65 -3.08 6.86
N HIS A 40 -10.45 -3.57 5.62
CA HIS A 40 -9.52 -4.66 5.37
C HIS A 40 -8.08 -4.23 5.62
N PHE A 41 -7.84 -2.93 5.45
CA PHE A 41 -6.52 -2.34 5.63
C PHE A 41 -6.20 -2.11 7.11
N GLU A 42 -7.23 -1.79 7.90
CA GLU A 42 -7.04 -1.53 9.34
C GLU A 42 -7.17 -2.80 10.17
N GLU A 43 -7.95 -3.78 9.69
CA GLU A 43 -8.17 -5.04 10.42
C GLU A 43 -6.84 -5.69 10.82
N SER A 44 -5.82 -5.55 9.99
CA SER A 44 -4.50 -6.13 10.26
C SER A 44 -3.39 -5.15 9.89
N SER A 45 -3.28 -4.07 10.66
CA SER A 45 -2.26 -3.05 10.42
C SER A 45 -0.85 -3.64 10.56
N PRO A 46 -0.58 -4.45 11.61
CA PRO A 46 0.74 -5.06 11.84
C PRO A 46 1.24 -5.93 10.67
N CYS A 47 0.33 -6.33 9.77
CA CYS A 47 0.72 -7.09 8.60
C CYS A 47 1.26 -6.11 7.57
N LEU A 48 0.57 -4.99 7.47
CA LEU A 48 0.93 -3.93 6.58
C LEU A 48 2.15 -3.17 7.12
N GLU A 49 2.64 -3.54 8.32
CA GLU A 49 3.82 -2.88 8.91
C GLU A 49 5.03 -3.82 8.91
N LYS A 50 4.91 -4.89 8.14
CA LYS A 50 6.02 -5.83 7.94
C LYS A 50 6.75 -5.51 6.65
N TYR A 51 6.07 -4.78 5.75
CA TYR A 51 6.63 -4.37 4.47
C TYR A 51 6.75 -2.85 4.39
N GLY A 52 5.77 -2.14 4.96
CA GLY A 52 5.77 -0.69 4.95
C GLY A 52 4.82 -0.13 3.91
N LEU A 53 3.59 -0.66 3.88
CA LEU A 53 2.58 -0.22 2.93
C LEU A 53 1.56 0.71 3.57
N GLU A 54 1.50 0.76 4.90
CA GLU A 54 0.55 1.64 5.60
C GLU A 54 0.56 3.04 4.96
N GLN A 55 1.74 3.65 4.98
CA GLN A 55 1.95 4.98 4.41
C GLN A 55 1.39 5.06 2.99
N ALA A 56 1.49 3.97 2.25
CA ALA A 56 1.00 3.91 0.87
C ALA A 56 -0.53 3.79 0.79
N VAL A 57 -1.09 2.78 1.47
CA VAL A 57 -2.55 2.54 1.44
C VAL A 57 -3.34 3.73 1.96
N LYS A 58 -2.78 4.48 2.94
CA LYS A 58 -3.46 5.67 3.47
C LYS A 58 -3.80 6.60 2.30
N LYS A 59 -2.85 6.70 1.38
CA LYS A 59 -2.98 7.52 0.18
C LYS A 59 -4.03 6.93 -0.73
N LEU A 60 -4.06 5.59 -0.79
CA LEU A 60 -5.03 4.87 -1.60
C LEU A 60 -6.46 5.17 -1.15
N VAL A 61 -6.66 5.15 0.17
CA VAL A 61 -7.98 5.44 0.76
C VAL A 61 -8.45 6.85 0.40
N LYS A 62 -7.49 7.76 0.27
CA LYS A 62 -7.75 9.15 -0.05
C LYS A 62 -8.48 9.30 -1.39
N ARG A 63 -8.17 8.40 -2.34
CA ARG A 63 -8.78 8.42 -3.67
C ARG A 63 -10.25 8.82 -3.59
N ALA A 64 -11.06 7.92 -3.02
CA ALA A 64 -12.50 8.14 -2.88
C ALA A 64 -13.15 8.61 -4.19
N ALA A 65 -14.40 9.08 -4.11
CA ALA A 65 -15.12 9.55 -5.29
C ALA A 65 -15.15 11.07 -5.34
N GLY A 66 -13.97 11.68 -5.60
CA GLY A 66 -13.88 13.12 -5.68
C GLY A 66 -12.45 13.63 -5.69
N GLN A 67 -11.59 13.03 -4.85
CA GLN A 67 -10.19 13.44 -4.76
C GLN A 67 -9.37 12.86 -5.93
N ASP A 68 -8.19 12.30 -5.64
CA ASP A 68 -7.34 11.71 -6.68
C ASP A 68 -8.11 10.67 -7.49
N ASP A 69 -9.22 10.18 -6.92
CA ASP A 69 -10.08 9.17 -7.57
C ASP A 69 -9.30 7.94 -8.03
N VAL A 70 -8.57 8.06 -9.14
CA VAL A 70 -7.79 6.95 -9.70
C VAL A 70 -6.82 7.46 -10.76
N PRO A 71 -5.60 7.83 -10.34
CA PRO A 71 -4.56 8.31 -11.24
C PRO A 71 -3.99 7.22 -12.14
N GLY A 72 -4.31 5.96 -11.83
CA GLY A 72 -3.80 4.85 -12.61
C GLY A 72 -2.38 4.50 -12.21
N ASP A 73 -1.64 5.51 -11.72
CA ASP A 73 -0.27 5.33 -11.28
C ASP A 73 -0.19 4.90 -9.83
N LEU A 74 -1.30 5.01 -9.06
CA LEU A 74 -1.27 4.58 -7.67
C LEU A 74 -1.41 3.06 -7.59
N ARG A 75 -2.45 2.53 -8.25
CA ARG A 75 -2.67 1.09 -8.28
C ARG A 75 -1.44 0.39 -8.81
N ALA A 76 -1.02 0.77 -10.02
CA ALA A 76 0.16 0.17 -10.66
C ALA A 76 1.33 0.18 -9.71
N LYS A 77 1.36 1.20 -8.86
CA LYS A 77 2.40 1.35 -7.86
C LYS A 77 2.15 0.35 -6.73
N VAL A 78 0.87 0.21 -6.37
CA VAL A 78 0.46 -0.71 -5.32
C VAL A 78 0.60 -2.15 -5.81
N MET A 79 -0.08 -2.49 -6.91
CA MET A 79 -0.01 -3.86 -7.45
C MET A 79 1.45 -4.26 -7.67
N GLY A 80 2.22 -3.36 -8.29
CA GLY A 80 3.62 -3.62 -8.55
C GLY A 80 4.41 -3.85 -7.28
N ARG A 81 4.04 -3.14 -6.20
CA ARG A 81 4.69 -3.30 -4.92
C ARG A 81 4.26 -4.63 -4.31
N LEU A 82 2.97 -4.97 -4.48
CA LEU A 82 2.50 -6.25 -3.99
C LEU A 82 3.29 -7.33 -4.71
N ASP A 83 3.24 -7.28 -6.04
CA ASP A 83 3.98 -8.24 -6.87
C ASP A 83 5.43 -8.31 -6.41
N LEU A 84 5.96 -7.18 -5.90
CA LEU A 84 7.30 -7.11 -5.38
C LEU A 84 7.35 -7.78 -4.00
N ILE A 85 6.29 -7.54 -3.24
CA ILE A 85 6.15 -8.09 -1.90
C ILE A 85 5.96 -9.61 -1.95
N ARG A 86 4.98 -10.05 -2.72
CA ARG A 86 4.68 -11.49 -2.87
C ARG A 86 5.85 -12.26 -3.48
N SER A 87 6.62 -11.61 -4.37
CA SER A 87 7.76 -12.25 -5.02
C SER A 87 9.08 -11.53 -4.71
N GLY A 88 9.16 -10.89 -3.54
CA GLY A 88 10.36 -10.18 -3.15
C GLY A 88 10.24 -9.50 -1.80
N GLN A 89 11.17 -8.59 -1.50
CA GLN A 89 11.18 -7.87 -0.23
C GLN A 89 11.64 -6.42 -0.40
N SER A 90 12.79 -6.23 -1.06
CA SER A 90 13.36 -4.90 -1.28
C SER A 90 12.32 -3.93 -1.84
N VAL A 91 12.31 -2.69 -1.30
CA VAL A 91 11.39 -1.66 -1.74
C VAL A 91 12.03 -0.28 -1.65
N PRO A 92 12.91 0.03 -2.62
CA PRO A 92 13.65 1.27 -2.68
C PRO A 92 12.96 2.34 -3.53
N GLU A 93 13.24 3.62 -3.21
CA GLU A 93 12.66 4.76 -3.93
C GLU A 93 11.14 4.81 -3.79
N HIS A 94 10.61 6.04 -3.64
CA HIS A 94 9.18 6.25 -3.49
C HIS A 94 8.64 7.22 -4.55
N ASP A 95 9.54 7.84 -5.33
CA ASP A 95 9.14 8.78 -6.37
C ASP A 95 8.26 9.88 -5.79
N VAL A 96 6.95 9.64 -5.81
CA VAL A 96 5.95 10.56 -5.27
C VAL A 96 4.69 9.76 -4.92
N ALA A 97 4.87 8.48 -4.61
CA ALA A 97 3.76 7.60 -4.28
C ALA A 97 3.30 7.79 -2.84
N ALA A 98 4.26 7.89 -1.93
CA ALA A 98 3.95 8.08 -0.51
C ALA A 98 5.13 8.70 0.23
N ALA A 99 5.14 10.03 0.33
CA ALA A 99 6.22 10.74 1.00
C ALA A 99 7.58 10.24 0.51
N PRO A 100 8.04 10.76 -0.63
CA PRO A 100 9.30 10.34 -1.24
C PRO A 100 10.52 11.08 -0.69
N SER A 101 11.53 10.32 -0.26
CA SER A 101 12.77 10.90 0.29
C SER A 101 13.87 9.84 0.40
N SER A 102 13.99 8.99 -0.62
CA SER A 102 15.01 7.94 -0.64
C SER A 102 16.20 8.33 -1.50
N SER A 103 15.93 8.76 -2.74
CA SER A 103 16.98 9.16 -3.67
C SER A 103 16.72 10.56 -4.22
N ALA A 104 15.51 10.78 -4.74
CA ALA A 104 15.13 12.08 -5.31
C ALA A 104 13.88 12.63 -4.63
N PRO A 105 14.05 13.30 -3.46
CA PRO A 105 12.93 13.89 -2.70
C PRO A 105 12.01 14.77 -3.55
N GLN A 106 12.62 15.65 -4.35
CA GLN A 106 11.86 16.54 -5.23
C GLN A 106 12.59 16.78 -6.55
N GLU A 107 13.05 15.68 -7.17
CA GLU A 107 13.76 15.73 -8.45
C GLU A 107 14.86 16.80 -8.44
N SER A 108 16.03 16.44 -7.89
CA SER A 108 17.16 17.35 -7.81
C SER A 108 18.47 16.64 -8.17
N GLY A 1 17.06 1.10 -0.09
CA GLY A 1 17.75 2.26 -0.72
C GLY A 1 18.58 3.05 0.27
N SER A 2 17.92 3.83 1.13
CA SER A 2 18.61 4.64 2.13
C SER A 2 18.70 3.89 3.47
N HIS A 3 17.56 3.39 3.95
CA HIS A 3 17.50 2.65 5.20
C HIS A 3 16.59 1.43 5.09
N MET A 4 17.00 0.32 5.71
CA MET A 4 16.23 -0.92 5.69
C MET A 4 15.39 -1.06 6.96
N SER A 5 14.15 -1.55 6.80
CA SER A 5 13.24 -1.74 7.93
C SER A 5 12.68 -3.16 7.94
N ALA A 6 13.02 -3.93 8.98
CA ALA A 6 12.56 -5.31 9.12
C ALA A 6 11.66 -5.46 10.34
N GLY A 7 10.71 -4.53 10.50
CA GLY A 7 9.79 -4.58 11.63
C GLY A 7 8.59 -5.47 11.37
N GLU A 8 8.78 -6.78 11.52
CA GLU A 8 7.70 -7.75 11.30
C GLU A 8 7.24 -8.35 12.63
N PRO A 9 6.15 -7.81 13.22
CA PRO A 9 5.61 -8.30 14.51
C PRO A 9 4.86 -9.63 14.35
N HIS A 10 4.16 -10.04 15.41
CA HIS A 10 3.40 -11.29 15.40
C HIS A 10 1.99 -11.05 14.85
N GLU A 11 1.76 -11.46 13.60
CA GLU A 11 0.47 -11.29 12.94
C GLU A 11 -0.15 -12.64 12.57
N THR A 12 -1.20 -12.61 11.72
CA THR A 12 -1.88 -13.83 11.30
C THR A 12 -2.06 -13.88 9.78
N ASP A 13 -3.02 -13.09 9.26
CA ASP A 13 -3.27 -13.04 7.81
C ASP A 13 -2.71 -11.76 7.21
N CYS A 14 -1.60 -11.89 6.47
CA CYS A 14 -0.96 -10.72 5.86
C CYS A 14 -1.07 -10.75 4.34
N SER A 15 -0.65 -11.87 3.72
CA SER A 15 -0.74 -12.01 2.26
C SER A 15 -2.16 -11.78 1.78
N GLU A 16 -3.13 -12.13 2.63
CA GLU A 16 -4.54 -11.97 2.31
C GLU A 16 -4.86 -10.49 2.09
N ILE A 17 -4.37 -9.65 3.01
CA ILE A 17 -4.57 -8.21 2.89
C ILE A 17 -4.11 -7.78 1.52
N LEU A 18 -2.94 -8.25 1.12
CA LEU A 18 -2.44 -7.94 -0.21
C LEU A 18 -3.45 -8.51 -1.19
N ASP A 19 -3.74 -9.82 -1.06
CA ASP A 19 -4.70 -10.49 -1.94
C ASP A 19 -5.92 -9.61 -2.21
N HIS A 20 -6.32 -8.75 -1.27
CA HIS A 20 -7.43 -7.85 -1.54
C HIS A 20 -6.87 -6.71 -2.38
N LEU A 21 -5.90 -5.99 -1.80
CA LEU A 21 -5.25 -4.85 -2.47
C LEU A 21 -5.08 -5.08 -3.98
N TYR A 22 -4.93 -6.34 -4.40
CA TYR A 22 -4.75 -6.67 -5.81
C TYR A 22 -6.10 -6.85 -6.52
N GLU A 23 -6.84 -7.90 -6.18
CA GLU A 23 -8.14 -8.18 -6.80
C GLU A 23 -9.19 -7.14 -6.42
N PHE A 24 -9.03 -6.57 -5.23
CA PHE A 24 -9.94 -5.56 -4.71
C PHE A 24 -9.86 -4.26 -5.49
N LEU A 25 -8.64 -3.77 -5.61
CA LEU A 25 -8.40 -2.52 -6.31
C LEU A 25 -8.58 -2.66 -7.83
N ASP A 26 -8.06 -3.75 -8.41
CA ASP A 26 -8.14 -3.95 -9.86
C ASP A 26 -9.50 -4.48 -10.35
N LYS A 27 -10.05 -5.49 -9.67
CA LYS A 27 -11.31 -6.11 -10.11
C LYS A 27 -12.57 -5.58 -9.41
N GLU A 28 -12.48 -5.22 -8.14
CA GLU A 28 -13.66 -4.74 -7.41
C GLU A 28 -14.19 -3.41 -7.95
N MET A 29 -13.48 -2.30 -7.65
CA MET A 29 -13.88 -0.97 -8.12
C MET A 29 -12.91 0.09 -7.59
N PRO A 30 -11.84 0.39 -8.37
CA PRO A 30 -10.81 1.37 -7.99
C PRO A 30 -11.32 2.59 -7.20
N ASP A 31 -12.47 3.13 -7.58
CA ASP A 31 -13.04 4.30 -6.90
C ASP A 31 -13.94 3.90 -5.72
N SER A 32 -14.71 2.83 -5.90
CA SER A 32 -15.61 2.36 -4.84
C SER A 32 -14.88 1.38 -3.90
N ASP A 33 -13.59 1.65 -3.65
CA ASP A 33 -12.79 0.80 -2.77
C ASP A 33 -12.17 1.59 -1.62
N ALA A 34 -11.95 2.90 -1.81
CA ALA A 34 -11.36 3.73 -0.77
C ALA A 34 -12.11 3.65 0.56
N VAL A 35 -13.45 3.64 0.51
CA VAL A 35 -14.27 3.56 1.71
C VAL A 35 -14.27 2.17 2.31
N LYS A 36 -14.06 1.14 1.48
CA LYS A 36 -13.99 -0.23 1.96
C LYS A 36 -12.53 -0.59 2.27
N PHE A 37 -11.62 0.25 1.76
CA PHE A 37 -10.19 0.06 1.97
C PHE A 37 -9.76 0.47 3.38
N GLU A 38 -10.70 0.92 4.22
CA GLU A 38 -10.34 1.32 5.59
C GLU A 38 -10.69 0.21 6.59
N HIS A 39 -11.44 -0.81 6.14
CA HIS A 39 -11.85 -1.91 7.02
C HIS A 39 -10.80 -3.04 7.00
N HIS A 40 -10.49 -3.52 5.81
CA HIS A 40 -9.51 -4.61 5.63
C HIS A 40 -8.09 -4.13 5.87
N PHE A 41 -7.83 -2.90 5.44
CA PHE A 41 -6.50 -2.28 5.57
C PHE A 41 -6.14 -2.03 7.03
N GLU A 42 -7.14 -1.68 7.85
CA GLU A 42 -6.92 -1.41 9.27
C GLU A 42 -7.05 -2.66 10.15
N GLU A 43 -7.86 -3.64 9.71
CA GLU A 43 -8.07 -4.86 10.49
C GLU A 43 -6.75 -5.50 10.92
N SER A 44 -5.75 -5.50 10.03
CA SER A 44 -4.44 -6.07 10.34
C SER A 44 -3.32 -5.13 9.90
N SER A 45 -3.17 -4.01 10.63
CA SER A 45 -2.13 -3.03 10.33
C SER A 45 -0.73 -3.66 10.40
N PRO A 46 -0.45 -4.52 11.42
CA PRO A 46 0.86 -5.18 11.58
C PRO A 46 1.30 -6.00 10.35
N CYS A 47 0.35 -6.36 9.48
CA CYS A 47 0.68 -7.08 8.26
C CYS A 47 1.06 -6.06 7.21
N LEU A 48 0.42 -4.91 7.29
CA LEU A 48 0.66 -3.81 6.42
C LEU A 48 1.89 -3.02 6.92
N GLU A 49 2.43 -3.42 8.09
CA GLU A 49 3.61 -2.76 8.68
C GLU A 49 4.85 -3.67 8.64
N LYS A 50 4.81 -4.60 7.71
CA LYS A 50 5.94 -5.49 7.45
C LYS A 50 6.78 -4.93 6.31
N TYR A 51 6.11 -4.60 5.20
CA TYR A 51 6.78 -4.09 4.01
C TYR A 51 6.68 -2.56 3.90
N GLY A 52 5.63 -1.97 4.47
CA GLY A 52 5.45 -0.53 4.41
C GLY A 52 4.35 -0.14 3.45
N LEU A 53 3.24 -0.86 3.52
CA LEU A 53 2.09 -0.62 2.65
C LEU A 53 1.12 0.40 3.26
N GLU A 54 1.11 0.52 4.59
CA GLU A 54 0.21 1.47 5.27
C GLU A 54 0.34 2.87 4.71
N GLN A 55 1.54 3.42 4.81
CA GLN A 55 1.85 4.77 4.35
C GLN A 55 1.35 5.02 2.93
N ALA A 56 1.36 3.99 2.09
CA ALA A 56 0.90 4.15 0.71
C ALA A 56 -0.60 3.89 0.56
N VAL A 57 -1.10 2.78 1.13
CA VAL A 57 -2.54 2.47 1.01
C VAL A 57 -3.37 3.60 1.56
N LYS A 58 -2.84 4.35 2.54
CA LYS A 58 -3.55 5.51 3.08
C LYS A 58 -3.91 6.41 1.90
N LYS A 59 -2.97 6.49 0.95
CA LYS A 59 -3.12 7.28 -0.27
C LYS A 59 -4.26 6.72 -1.12
N LEU A 60 -4.37 5.39 -1.17
CA LEU A 60 -5.45 4.73 -1.93
C LEU A 60 -6.78 5.08 -1.30
N VAL A 61 -6.80 5.04 0.03
CA VAL A 61 -8.01 5.37 0.80
C VAL A 61 -8.42 6.82 0.55
N LYS A 62 -7.41 7.69 0.43
CA LYS A 62 -7.59 9.11 0.18
C LYS A 62 -8.44 9.37 -1.06
N ARG A 63 -8.23 8.52 -2.08
CA ARG A 63 -8.94 8.63 -3.36
C ARG A 63 -10.43 8.96 -3.16
N ALA A 64 -11.16 7.97 -2.64
CA ALA A 64 -12.61 8.10 -2.39
C ALA A 64 -13.31 8.95 -3.47
N ALA A 65 -13.48 10.25 -3.21
CA ALA A 65 -14.13 11.14 -4.16
C ALA A 65 -13.62 12.58 -4.00
N GLY A 66 -13.19 13.18 -5.12
CA GLY A 66 -12.68 14.54 -5.08
C GLY A 66 -11.15 14.58 -5.07
N GLN A 67 -10.54 13.62 -4.36
CA GLN A 67 -9.08 13.54 -4.25
C GLN A 67 -8.49 12.90 -5.52
N ASP A 68 -7.24 12.43 -5.42
CA ASP A 68 -6.57 11.80 -6.57
C ASP A 68 -7.48 10.80 -7.28
N ASP A 69 -8.48 10.29 -6.56
CA ASP A 69 -9.46 9.34 -7.10
C ASP A 69 -8.82 8.06 -7.65
N VAL A 70 -8.13 8.16 -8.79
CA VAL A 70 -7.48 7.00 -9.41
C VAL A 70 -6.47 7.46 -10.46
N PRO A 71 -5.31 7.98 -10.01
CA PRO A 71 -4.25 8.45 -10.91
C PRO A 71 -3.69 7.35 -11.81
N GLY A 72 -3.96 6.09 -11.45
CA GLY A 72 -3.42 4.98 -12.22
C GLY A 72 -1.99 4.69 -11.80
N ASP A 73 -1.34 5.72 -11.25
CA ASP A 73 0.02 5.62 -10.77
C ASP A 73 0.06 5.03 -9.36
N LEU A 74 -1.07 5.07 -8.63
CA LEU A 74 -1.07 4.47 -7.28
C LEU A 74 -1.22 2.98 -7.41
N ARG A 75 -2.17 2.56 -8.23
CA ARG A 75 -2.41 1.14 -8.49
C ARG A 75 -1.13 0.51 -9.01
N ALA A 76 -0.66 1.00 -10.16
CA ALA A 76 0.57 0.49 -10.79
C ALA A 76 1.69 0.39 -9.75
N LYS A 77 1.60 1.28 -8.76
CA LYS A 77 2.55 1.32 -7.66
C LYS A 77 2.18 0.25 -6.65
N VAL A 78 0.87 0.09 -6.43
CA VAL A 78 0.34 -0.89 -5.50
C VAL A 78 0.59 -2.30 -6.02
N MET A 79 0.02 -2.61 -7.18
CA MET A 79 0.17 -3.94 -7.78
C MET A 79 1.65 -4.31 -7.87
N GLY A 80 2.44 -3.37 -8.40
CA GLY A 80 3.87 -3.58 -8.55
C GLY A 80 4.56 -3.79 -7.22
N ARG A 81 4.03 -3.20 -6.14
CA ARG A 81 4.60 -3.36 -4.83
C ARG A 81 4.20 -4.71 -4.29
N LEU A 82 2.93 -5.10 -4.51
CA LEU A 82 2.48 -6.41 -4.05
C LEU A 82 3.33 -7.44 -4.77
N ASP A 83 3.31 -7.37 -6.10
CA ASP A 83 4.08 -8.28 -6.94
C ASP A 83 5.52 -8.33 -6.43
N LEU A 84 5.99 -7.21 -5.86
CA LEU A 84 7.31 -7.12 -5.28
C LEU A 84 7.32 -7.79 -3.92
N ILE A 85 6.25 -7.55 -3.16
CA ILE A 85 6.08 -8.11 -1.82
C ILE A 85 5.96 -9.63 -1.90
N ARG A 86 4.99 -10.10 -2.70
CA ARG A 86 4.74 -11.53 -2.89
C ARG A 86 5.95 -12.26 -3.48
N SER A 87 6.75 -11.55 -4.29
CA SER A 87 7.92 -12.13 -4.94
C SER A 87 9.21 -11.42 -4.50
N GLY A 88 9.23 -10.87 -3.29
CA GLY A 88 10.40 -10.17 -2.79
C GLY A 88 10.40 -10.00 -1.29
N GLN A 89 10.88 -8.83 -0.82
CA GLN A 89 10.96 -8.55 0.61
C GLN A 89 10.54 -7.10 0.89
N SER A 90 11.06 -6.54 1.99
CA SER A 90 10.75 -5.16 2.37
C SER A 90 11.34 -4.18 1.35
N VAL A 91 10.52 -3.23 0.90
CA VAL A 91 10.96 -2.25 -0.09
C VAL A 91 10.23 -0.92 0.07
N PRO A 92 10.81 -0.05 0.89
CA PRO A 92 10.29 1.29 1.19
C PRO A 92 10.44 2.25 0.01
N GLU A 93 9.31 2.69 -0.55
CA GLU A 93 9.31 3.61 -1.69
C GLU A 93 7.92 4.20 -1.92
N HIS A 94 7.57 5.21 -1.13
CA HIS A 94 6.26 5.87 -1.23
C HIS A 94 6.40 7.39 -1.05
N ASP A 95 7.32 7.99 -1.82
CA ASP A 95 7.55 9.44 -1.75
C ASP A 95 6.49 10.20 -2.55
N VAL A 96 6.55 10.04 -3.87
CA VAL A 96 5.61 10.70 -4.77
C VAL A 96 4.59 9.71 -5.34
N ALA A 97 4.89 8.41 -5.20
CA ALA A 97 4.03 7.36 -5.72
C ALA A 97 4.09 7.33 -7.25
N ALA A 98 4.99 8.15 -7.81
CA ALA A 98 5.19 8.22 -9.25
C ALA A 98 6.61 7.81 -9.61
N ALA A 99 7.58 8.31 -8.82
CA ALA A 99 8.99 8.00 -9.02
C ALA A 99 9.46 6.98 -7.99
N PRO A 100 9.57 5.68 -8.38
CA PRO A 100 9.98 4.62 -7.46
C PRO A 100 11.48 4.66 -7.15
N SER A 101 11.86 4.05 -6.02
CA SER A 101 13.26 4.02 -5.58
C SER A 101 13.82 5.42 -5.40
N SER A 102 13.74 5.95 -4.18
CA SER A 102 14.24 7.29 -3.87
C SER A 102 15.78 7.35 -3.95
N SER A 103 16.44 6.22 -3.71
CA SER A 103 17.90 6.16 -3.75
C SER A 103 18.40 5.97 -5.19
N ALA A 104 17.81 5.03 -5.92
CA ALA A 104 18.21 4.76 -7.30
C ALA A 104 17.00 4.63 -8.22
N PRO A 105 16.38 5.77 -8.61
CA PRO A 105 15.20 5.78 -9.49
C PRO A 105 15.41 4.98 -10.79
N GLN A 106 16.55 5.23 -11.45
CA GLN A 106 16.89 4.55 -12.69
C GLN A 106 18.40 4.53 -12.91
N GLU A 107 19.13 3.98 -11.93
CA GLU A 107 20.58 3.90 -12.02
C GLU A 107 21.01 2.70 -12.87
N SER A 108 21.77 2.96 -13.94
CA SER A 108 22.25 1.91 -14.83
C SER A 108 23.55 1.31 -14.32
N GLY A 1 13.92 12.45 12.86
CA GLY A 1 14.37 11.74 14.10
C GLY A 1 15.07 10.42 13.79
N SER A 2 14.28 9.41 13.44
CA SER A 2 14.82 8.08 13.13
C SER A 2 14.93 7.87 11.61
N HIS A 3 16.02 7.27 11.17
CA HIS A 3 16.24 7.01 9.74
C HIS A 3 15.88 5.57 9.39
N MET A 4 16.44 4.61 10.14
CA MET A 4 16.18 3.19 9.91
C MET A 4 15.08 2.68 10.85
N SER A 5 14.22 1.81 10.33
CA SER A 5 13.12 1.25 11.11
C SER A 5 12.97 -0.26 10.83
N ALA A 6 13.04 -1.07 11.89
CA ALA A 6 12.91 -2.51 11.77
C ALA A 6 12.00 -3.08 12.86
N GLY A 7 10.88 -2.40 13.09
CA GLY A 7 9.93 -2.85 14.11
C GLY A 7 8.87 -3.77 13.54
N GLU A 8 9.19 -5.06 13.44
CA GLU A 8 8.26 -6.05 12.90
C GLU A 8 7.25 -6.47 13.97
N PRO A 9 5.94 -6.17 13.77
CA PRO A 9 4.89 -6.53 14.73
C PRO A 9 4.48 -8.01 14.64
N HIS A 10 3.42 -8.38 15.35
CA HIS A 10 2.93 -9.75 15.34
C HIS A 10 1.92 -9.95 14.20
N GLU A 11 2.39 -10.50 13.08
CA GLU A 11 1.54 -10.76 11.92
C GLU A 11 1.02 -12.20 11.94
N THR A 12 0.11 -12.51 11.01
CA THR A 12 -0.47 -13.84 10.91
C THR A 12 -0.85 -14.17 9.46
N ASP A 13 -1.61 -13.28 8.82
CA ASP A 13 -2.04 -13.48 7.43
C ASP A 13 -1.98 -12.15 6.67
N CYS A 14 -0.83 -11.87 6.06
CA CYS A 14 -0.66 -10.63 5.31
C CYS A 14 -1.01 -10.81 3.83
N SER A 15 -0.53 -11.90 3.23
CA SER A 15 -0.78 -12.17 1.81
C SER A 15 -2.24 -11.96 1.45
N GLU A 16 -3.14 -12.25 2.39
CA GLU A 16 -4.57 -12.08 2.16
C GLU A 16 -4.90 -10.61 2.00
N ILE A 17 -4.41 -9.79 2.93
CA ILE A 17 -4.62 -8.34 2.85
C ILE A 17 -4.15 -7.85 1.50
N LEU A 18 -2.95 -8.27 1.10
CA LEU A 18 -2.46 -7.91 -0.21
C LEU A 18 -3.45 -8.47 -1.21
N ASP A 19 -3.70 -9.79 -1.12
CA ASP A 19 -4.64 -10.47 -2.00
C ASP A 19 -5.85 -9.58 -2.31
N HIS A 20 -6.32 -8.77 -1.33
CA HIS A 20 -7.43 -7.87 -1.63
C HIS A 20 -6.87 -6.72 -2.43
N LEU A 21 -5.91 -6.01 -1.84
CA LEU A 21 -5.27 -4.85 -2.49
C LEU A 21 -5.08 -5.06 -4.00
N TYR A 22 -4.90 -6.32 -4.42
CA TYR A 22 -4.71 -6.64 -5.83
C TYR A 22 -6.07 -6.81 -6.53
N GLU A 23 -6.79 -7.88 -6.19
CA GLU A 23 -8.08 -8.18 -6.78
C GLU A 23 -9.15 -7.15 -6.38
N PHE A 24 -9.06 -6.69 -5.14
CA PHE A 24 -9.98 -5.69 -4.60
C PHE A 24 -9.85 -4.40 -5.39
N LEU A 25 -8.63 -3.96 -5.51
CA LEU A 25 -8.30 -2.74 -6.21
C LEU A 25 -8.51 -2.87 -7.72
N ASP A 26 -7.93 -3.91 -8.32
CA ASP A 26 -8.01 -4.12 -9.77
C ASP A 26 -9.36 -4.65 -10.27
N LYS A 27 -9.93 -5.63 -9.58
CA LYS A 27 -11.18 -6.24 -10.03
C LYS A 27 -12.45 -5.65 -9.40
N GLU A 28 -12.40 -5.22 -8.13
CA GLU A 28 -13.59 -4.67 -7.49
C GLU A 28 -14.01 -3.32 -8.07
N MET A 29 -13.23 -2.26 -7.78
CA MET A 29 -13.54 -0.91 -8.27
C MET A 29 -12.54 0.12 -7.70
N PRO A 30 -11.44 0.39 -8.45
CA PRO A 30 -10.39 1.33 -8.05
C PRO A 30 -10.88 2.57 -7.27
N ASP A 31 -11.98 3.17 -7.73
CA ASP A 31 -12.53 4.37 -7.08
C ASP A 31 -13.47 4.01 -5.92
N SER A 32 -14.27 2.95 -6.11
CA SER A 32 -15.20 2.51 -5.06
C SER A 32 -14.53 1.49 -4.14
N ASP A 33 -13.28 1.78 -3.75
CA ASP A 33 -12.52 0.89 -2.88
C ASP A 33 -11.80 1.67 -1.77
N ALA A 34 -11.54 2.96 -1.98
CA ALA A 34 -10.86 3.77 -0.97
C ALA A 34 -11.60 3.74 0.38
N VAL A 35 -12.93 3.81 0.33
CA VAL A 35 -13.74 3.80 1.55
C VAL A 35 -13.96 2.37 2.06
N LYS A 36 -14.00 1.40 1.13
CA LYS A 36 -14.18 0.00 1.49
C LYS A 36 -12.84 -0.60 1.93
N PHE A 37 -11.75 0.06 1.54
CA PHE A 37 -10.41 -0.38 1.89
C PHE A 37 -10.19 -0.27 3.41
N GLU A 38 -10.11 0.97 3.90
CA GLU A 38 -9.89 1.26 5.33
C GLU A 38 -10.33 0.12 6.26
N HIS A 39 -11.52 -0.44 6.01
CA HIS A 39 -12.05 -1.54 6.83
C HIS A 39 -11.09 -2.72 6.94
N HIS A 40 -10.72 -3.28 5.79
CA HIS A 40 -9.81 -4.44 5.73
C HIS A 40 -8.36 -4.01 5.96
N PHE A 41 -8.03 -2.81 5.49
CA PHE A 41 -6.67 -2.28 5.62
C PHE A 41 -6.28 -2.03 7.08
N GLU A 42 -7.27 -1.74 7.94
CA GLU A 42 -7.02 -1.48 9.36
C GLU A 42 -7.08 -2.75 10.20
N GLU A 43 -7.91 -3.72 9.78
CA GLU A 43 -8.07 -4.97 10.52
C GLU A 43 -6.73 -5.70 10.72
N SER A 44 -5.81 -5.58 9.75
CA SER A 44 -4.51 -6.23 9.83
C SER A 44 -3.37 -5.24 9.57
N SER A 45 -3.27 -4.21 10.40
CA SER A 45 -2.21 -3.22 10.26
C SER A 45 -0.82 -3.88 10.32
N PRO A 46 -0.60 -4.85 11.23
CA PRO A 46 0.69 -5.54 11.38
C PRO A 46 1.19 -6.21 10.09
N CYS A 47 0.29 -6.47 9.13
CA CYS A 47 0.69 -7.03 7.85
C CYS A 47 1.28 -5.90 7.01
N LEU A 48 0.56 -4.79 7.02
CA LEU A 48 0.92 -3.60 6.31
C LEU A 48 2.11 -2.88 6.94
N GLU A 49 2.61 -3.38 8.08
CA GLU A 49 3.75 -2.76 8.77
C GLU A 49 4.98 -3.69 8.75
N LYS A 50 4.89 -4.74 7.94
CA LYS A 50 6.01 -5.66 7.76
C LYS A 50 6.75 -5.36 6.45
N TYR A 51 6.11 -4.54 5.60
CA TYR A 51 6.70 -4.16 4.31
C TYR A 51 6.70 -2.64 4.12
N GLY A 52 5.74 -1.95 4.75
CA GLY A 52 5.66 -0.50 4.64
C GLY A 52 4.60 -0.07 3.64
N LEU A 53 3.45 -0.73 3.70
CA LEU A 53 2.34 -0.43 2.79
C LEU A 53 1.39 0.61 3.38
N GLU A 54 1.40 0.77 4.73
CA GLU A 54 0.54 1.75 5.38
C GLU A 54 0.60 3.08 4.61
N GLN A 55 1.82 3.62 4.52
CA GLN A 55 2.08 4.87 3.82
C GLN A 55 1.45 4.88 2.42
N ALA A 56 1.42 3.72 1.76
CA ALA A 56 0.84 3.62 0.41
C ALA A 56 -0.68 3.56 0.44
N VAL A 57 -1.24 2.62 1.20
CA VAL A 57 -2.69 2.45 1.29
C VAL A 57 -3.39 3.70 1.81
N LYS A 58 -2.74 4.45 2.72
CA LYS A 58 -3.33 5.69 3.24
C LYS A 58 -3.65 6.59 2.05
N LYS A 59 -2.71 6.59 1.10
CA LYS A 59 -2.83 7.37 -0.13
C LYS A 59 -3.92 6.77 -1.00
N LEU A 60 -3.98 5.44 -1.04
CA LEU A 60 -5.00 4.73 -1.81
C LEU A 60 -6.40 5.06 -1.29
N VAL A 61 -6.53 5.10 0.03
CA VAL A 61 -7.81 5.43 0.67
C VAL A 61 -8.15 6.90 0.48
N LYS A 62 -7.12 7.73 0.41
CA LYS A 62 -7.26 9.15 0.27
C LYS A 62 -8.08 9.53 -0.97
N ARG A 63 -7.89 8.78 -2.06
CA ARG A 63 -8.61 9.04 -3.31
C ARG A 63 -10.11 9.14 -3.05
N ALA A 64 -10.72 7.99 -2.78
CA ALA A 64 -12.16 7.90 -2.51
C ALA A 64 -12.98 8.63 -3.59
N ALA A 65 -13.18 9.94 -3.41
CA ALA A 65 -13.94 10.73 -4.37
C ALA A 65 -13.06 11.16 -5.55
N GLY A 66 -13.63 11.89 -6.51
CA GLY A 66 -12.87 12.33 -7.66
C GLY A 66 -12.05 13.57 -7.39
N GLN A 67 -10.99 13.42 -6.59
CA GLN A 67 -10.11 14.53 -6.24
C GLN A 67 -8.74 14.38 -6.91
N ASP A 68 -7.81 13.72 -6.22
CA ASP A 68 -6.47 13.48 -6.77
C ASP A 68 -6.56 12.45 -7.89
N ASP A 69 -7.69 11.72 -7.95
CA ASP A 69 -7.94 10.70 -8.97
C ASP A 69 -6.89 9.58 -8.98
N VAL A 70 -5.60 9.96 -9.11
CA VAL A 70 -4.50 8.99 -9.18
C VAL A 70 -4.90 7.80 -10.04
N PRO A 71 -4.99 8.04 -11.35
CA PRO A 71 -5.38 7.06 -12.36
C PRO A 71 -4.21 6.18 -12.85
N GLY A 72 -4.25 4.90 -12.49
CA GLY A 72 -3.21 3.97 -12.91
C GLY A 72 -1.86 4.19 -12.25
N ASP A 73 -1.76 5.21 -11.38
CA ASP A 73 -0.50 5.52 -10.71
C ASP A 73 -0.52 5.02 -9.26
N LEU A 74 -1.70 5.03 -8.64
CA LEU A 74 -1.83 4.56 -7.27
C LEU A 74 -1.85 3.04 -7.26
N ARG A 75 -2.81 2.48 -7.98
CA ARG A 75 -2.94 1.03 -8.12
C ARG A 75 -1.63 0.41 -8.60
N ALA A 76 -1.16 0.89 -9.75
CA ALA A 76 0.09 0.40 -10.35
C ALA A 76 1.20 0.42 -9.31
N LYS A 77 1.10 1.38 -8.39
CA LYS A 77 2.05 1.53 -7.30
C LYS A 77 1.80 0.44 -6.28
N VAL A 78 0.52 0.21 -5.99
CA VAL A 78 0.10 -0.81 -5.02
C VAL A 78 0.38 -2.21 -5.58
N MET A 79 -0.20 -2.52 -6.74
CA MET A 79 0.00 -3.84 -7.35
C MET A 79 1.48 -4.14 -7.49
N GLY A 80 2.22 -3.17 -8.02
CA GLY A 80 3.65 -3.32 -8.19
C GLY A 80 4.37 -3.56 -6.87
N ARG A 81 3.83 -2.97 -5.79
CA ARG A 81 4.40 -3.15 -4.47
C ARG A 81 4.07 -4.54 -3.97
N LEU A 82 2.83 -4.98 -4.22
CA LEU A 82 2.44 -6.33 -3.82
C LEU A 82 3.34 -7.30 -4.55
N ASP A 83 3.36 -7.18 -5.88
CA ASP A 83 4.19 -8.02 -6.73
C ASP A 83 5.63 -8.03 -6.19
N LEU A 84 6.02 -6.91 -5.57
CA LEU A 84 7.33 -6.77 -4.96
C LEU A 84 7.36 -7.55 -3.65
N ILE A 85 6.29 -7.36 -2.91
CA ILE A 85 6.11 -7.99 -1.61
C ILE A 85 6.03 -9.51 -1.76
N ARG A 86 5.10 -9.98 -2.59
CA ARG A 86 4.92 -11.41 -2.84
C ARG A 86 6.17 -12.07 -3.42
N SER A 87 6.97 -11.30 -4.17
CA SER A 87 8.18 -11.80 -4.80
C SER A 87 9.44 -11.07 -4.30
N GLY A 88 9.40 -10.55 -3.07
CA GLY A 88 10.54 -9.84 -2.53
C GLY A 88 10.21 -9.06 -1.25
N GLN A 89 11.22 -8.40 -0.68
CA GLN A 89 11.05 -7.63 0.55
C GLN A 89 11.42 -6.15 0.36
N SER A 90 12.40 -5.87 -0.50
CA SER A 90 12.86 -4.50 -0.76
C SER A 90 11.70 -3.58 -1.20
N VAL A 91 11.79 -2.31 -0.81
CA VAL A 91 10.77 -1.32 -1.17
C VAL A 91 11.36 0.09 -1.18
N PRO A 92 12.09 0.41 -2.26
CA PRO A 92 12.76 1.69 -2.44
C PRO A 92 11.94 2.70 -3.24
N GLU A 93 12.44 3.94 -3.32
CA GLU A 93 11.78 5.02 -4.06
C GLU A 93 10.35 5.29 -3.59
N HIS A 94 9.86 6.49 -3.90
CA HIS A 94 8.50 6.92 -3.52
C HIS A 94 8.14 8.23 -4.22
N ASP A 95 7.37 8.12 -5.31
CA ASP A 95 6.96 9.29 -6.09
C ASP A 95 5.45 9.49 -6.05
N VAL A 96 4.69 8.39 -6.11
CA VAL A 96 3.24 8.48 -6.10
C VAL A 96 2.67 8.61 -4.68
N ALA A 97 3.55 8.56 -3.67
CA ALA A 97 3.11 8.72 -2.28
C ALA A 97 2.61 10.16 -2.05
N ALA A 98 2.72 11.01 -3.10
CA ALA A 98 2.29 12.42 -3.07
C ALA A 98 3.49 13.30 -3.43
N ALA A 99 4.12 12.95 -4.55
CA ALA A 99 5.32 13.64 -5.03
C ALA A 99 6.33 13.79 -3.88
N PRO A 100 6.63 12.69 -3.18
CA PRO A 100 7.56 12.64 -2.05
C PRO A 100 8.95 12.16 -2.46
N SER A 101 9.82 11.92 -1.46
CA SER A 101 11.17 11.45 -1.71
C SER A 101 11.53 10.29 -0.78
N SER A 102 12.40 9.39 -1.25
CA SER A 102 12.83 8.23 -0.47
C SER A 102 13.59 8.66 0.79
N SER A 103 14.34 9.75 0.69
CA SER A 103 15.12 10.26 1.83
C SER A 103 14.21 10.97 2.85
N ALA A 104 13.28 11.79 2.36
CA ALA A 104 12.35 12.51 3.22
C ALA A 104 10.92 12.43 2.70
N PRO A 105 10.23 11.29 2.92
CA PRO A 105 8.84 11.09 2.47
C PRO A 105 7.91 12.21 2.91
N GLN A 106 7.96 12.56 4.19
CA GLN A 106 7.12 13.62 4.75
C GLN A 106 7.75 14.25 5.99
N GLU A 107 9.00 14.72 5.83
CA GLU A 107 9.71 15.35 6.94
C GLU A 107 9.19 16.75 7.22
N SER A 108 8.82 17.01 8.48
CA SER A 108 8.30 18.31 8.89
C SER A 108 9.43 19.29 9.19
N GLY A 1 13.74 13.25 24.51
CA GLY A 1 13.33 12.61 23.22
C GLY A 1 12.93 11.16 23.39
N SER A 2 11.72 10.94 23.94
CA SER A 2 11.21 9.59 24.17
C SER A 2 10.23 9.18 23.07
N HIS A 3 10.37 7.95 22.56
CA HIS A 3 9.50 7.45 21.50
C HIS A 3 9.21 5.96 21.71
N MET A 4 8.02 5.52 21.29
CA MET A 4 7.61 4.12 21.42
C MET A 4 7.97 3.34 20.16
N SER A 5 8.31 2.06 20.33
CA SER A 5 8.67 1.20 19.21
C SER A 5 7.45 0.41 18.71
N ALA A 6 7.06 0.67 17.47
CA ALA A 6 5.91 -0.02 16.86
C ALA A 6 6.18 -0.36 15.40
N GLY A 7 7.36 -0.93 15.13
CA GLY A 7 7.72 -1.30 13.78
C GLY A 7 7.16 -2.66 13.37
N GLU A 8 7.46 -3.69 14.16
CA GLU A 8 6.99 -5.03 13.89
C GLU A 8 6.15 -5.57 15.07
N PRO A 9 4.86 -5.17 15.15
CA PRO A 9 3.96 -5.61 16.23
C PRO A 9 3.48 -7.05 16.04
N HIS A 10 2.50 -7.47 16.85
CA HIS A 10 1.95 -8.83 16.76
C HIS A 10 1.17 -9.01 15.45
N GLU A 11 1.64 -9.93 14.60
CA GLU A 11 0.99 -10.20 13.32
C GLU A 11 0.52 -11.66 13.23
N THR A 12 -0.28 -11.95 12.20
CA THR A 12 -0.81 -13.30 11.99
C THR A 12 -0.98 -13.59 10.49
N ASP A 13 -1.67 -12.70 9.78
CA ASP A 13 -1.91 -12.84 8.34
C ASP A 13 -1.55 -11.55 7.61
N CYS A 14 -1.18 -11.66 6.34
CA CYS A 14 -0.82 -10.48 5.56
C CYS A 14 -1.13 -10.65 4.07
N SER A 15 -0.67 -11.76 3.48
CA SER A 15 -0.90 -12.00 2.04
C SER A 15 -2.36 -11.80 1.65
N GLU A 16 -3.27 -12.09 2.58
CA GLU A 16 -4.70 -11.93 2.32
C GLU A 16 -5.04 -10.47 2.09
N ILE A 17 -4.51 -9.59 2.95
CA ILE A 17 -4.74 -8.16 2.80
C ILE A 17 -4.22 -7.72 1.46
N LEU A 18 -3.04 -8.20 1.08
CA LEU A 18 -2.52 -7.88 -0.22
C LEU A 18 -3.50 -8.42 -1.24
N ASP A 19 -3.81 -9.73 -1.12
CA ASP A 19 -4.75 -10.38 -2.03
C ASP A 19 -5.94 -9.45 -2.36
N HIS A 20 -6.37 -8.60 -1.41
CA HIS A 20 -7.44 -7.66 -1.72
C HIS A 20 -6.83 -6.54 -2.54
N LEU A 21 -5.85 -5.85 -1.95
CA LEU A 21 -5.15 -4.75 -2.60
C LEU A 21 -4.91 -5.01 -4.09
N TYR A 22 -4.80 -6.27 -4.50
CA TYR A 22 -4.57 -6.61 -5.91
C TYR A 22 -5.89 -6.76 -6.69
N GLU A 23 -6.63 -7.82 -6.39
CA GLU A 23 -7.90 -8.12 -7.08
C GLU A 23 -8.98 -7.08 -6.78
N PHE A 24 -8.87 -6.44 -5.62
CA PHE A 24 -9.83 -5.44 -5.19
C PHE A 24 -9.77 -4.19 -6.06
N LEU A 25 -8.56 -3.71 -6.28
CA LEU A 25 -8.37 -2.49 -7.08
C LEU A 25 -8.21 -2.74 -8.59
N ASP A 26 -7.50 -3.79 -9.00
CA ASP A 26 -7.30 -4.04 -10.44
C ASP A 26 -8.57 -4.44 -11.18
N LYS A 27 -9.55 -4.96 -10.44
CA LYS A 27 -10.79 -5.42 -11.04
C LYS A 27 -11.94 -4.45 -10.80
N GLU A 28 -11.58 -3.20 -10.60
CA GLU A 28 -12.52 -2.11 -10.36
C GLU A 28 -13.30 -2.30 -9.07
N MET A 29 -13.54 -1.19 -8.39
CA MET A 29 -14.26 -1.15 -7.11
C MET A 29 -13.85 0.09 -6.30
N PRO A 30 -12.52 0.32 -6.11
CA PRO A 30 -11.98 1.44 -5.34
C PRO A 30 -12.85 2.70 -5.30
N ASP A 31 -13.42 3.10 -6.45
CA ASP A 31 -14.26 4.30 -6.50
C ASP A 31 -15.36 4.23 -5.45
N SER A 32 -16.13 3.14 -5.47
CA SER A 32 -17.20 2.93 -4.50
C SER A 32 -16.73 1.94 -3.44
N ASP A 33 -15.44 2.05 -3.05
CA ASP A 33 -14.86 1.16 -2.07
C ASP A 33 -13.75 1.83 -1.23
N ALA A 34 -13.20 2.98 -1.68
CA ALA A 34 -12.14 3.64 -0.92
C ALA A 34 -12.54 3.84 0.55
N VAL A 35 -13.85 3.96 0.81
CA VAL A 35 -14.35 4.12 2.16
C VAL A 35 -14.32 2.78 2.91
N LYS A 36 -14.30 1.69 2.13
CA LYS A 36 -14.21 0.35 2.69
C LYS A 36 -12.74 -0.04 2.79
N PHE A 37 -11.90 0.64 1.99
CA PHE A 37 -10.46 0.40 1.97
C PHE A 37 -9.82 0.75 3.32
N GLU A 38 -10.60 1.30 4.26
CA GLU A 38 -10.08 1.67 5.57
C GLU A 38 -10.34 0.59 6.63
N HIS A 39 -11.33 -0.29 6.39
CA HIS A 39 -11.66 -1.37 7.35
C HIS A 39 -10.75 -2.58 7.18
N HIS A 40 -10.79 -3.19 5.98
CA HIS A 40 -9.97 -4.37 5.68
C HIS A 40 -8.49 -4.07 5.84
N PHE A 41 -8.15 -2.80 5.67
CA PHE A 41 -6.77 -2.33 5.77
C PHE A 41 -6.34 -2.08 7.21
N GLU A 42 -7.31 -1.79 8.09
CA GLU A 42 -7.02 -1.53 9.50
C GLU A 42 -7.06 -2.82 10.32
N GLU A 43 -7.84 -3.82 9.88
CA GLU A 43 -7.95 -5.09 10.58
C GLU A 43 -6.58 -5.76 10.76
N SER A 44 -5.70 -5.57 9.78
CA SER A 44 -4.35 -6.15 9.85
C SER A 44 -3.29 -5.09 9.63
N SER A 45 -3.24 -4.09 10.51
CA SER A 45 -2.25 -3.03 10.42
C SER A 45 -0.83 -3.63 10.39
N PRO A 46 -0.55 -4.64 11.26
CA PRO A 46 0.76 -5.32 11.33
C PRO A 46 1.20 -5.98 10.02
N CYS A 47 0.28 -6.14 9.05
CA CYS A 47 0.64 -6.71 7.76
C CYS A 47 1.32 -5.66 6.91
N LEU A 48 0.78 -4.45 6.97
CA LEU A 48 1.34 -3.34 6.23
C LEU A 48 2.59 -2.76 6.92
N GLU A 49 2.94 -3.28 8.11
CA GLU A 49 4.12 -2.80 8.84
C GLU A 49 5.28 -3.80 8.69
N LYS A 50 5.09 -4.74 7.78
CA LYS A 50 6.13 -5.72 7.45
C LYS A 50 7.01 -5.14 6.35
N TYR A 51 6.35 -4.72 5.27
CA TYR A 51 7.01 -4.15 4.11
C TYR A 51 6.90 -2.62 4.09
N GLY A 52 5.89 -2.08 4.79
CA GLY A 52 5.69 -0.65 4.83
C GLY A 52 4.60 -0.19 3.89
N LEU A 53 3.48 -0.91 3.89
CA LEU A 53 2.36 -0.59 3.02
C LEU A 53 1.37 0.35 3.71
N GLU A 54 1.35 0.38 5.05
CA GLU A 54 0.42 1.27 5.76
C GLU A 54 0.44 2.66 5.14
N GLN A 55 1.63 3.25 5.18
CA GLN A 55 1.88 4.58 4.62
C GLN A 55 1.35 4.69 3.18
N ALA A 56 1.43 3.60 2.42
CA ALA A 56 0.97 3.58 1.03
C ALA A 56 -0.55 3.46 0.93
N VAL A 57 -1.14 2.45 1.57
CA VAL A 57 -2.60 2.24 1.51
C VAL A 57 -3.37 3.46 2.03
N LYS A 58 -2.80 4.19 3.01
CA LYS A 58 -3.46 5.40 3.52
C LYS A 58 -3.77 6.32 2.34
N LYS A 59 -2.83 6.35 1.40
CA LYS A 59 -2.94 7.15 0.19
C LYS A 59 -4.02 6.59 -0.71
N LEU A 60 -4.10 5.25 -0.77
CA LEU A 60 -5.11 4.56 -1.57
C LEU A 60 -6.51 4.91 -1.11
N VAL A 61 -6.73 4.90 0.20
CA VAL A 61 -8.05 5.23 0.75
C VAL A 61 -8.52 6.60 0.28
N LYS A 62 -7.55 7.48 0.06
CA LYS A 62 -7.77 8.85 -0.38
C LYS A 62 -8.66 8.94 -1.63
N ARG A 63 -8.44 8.02 -2.56
CA ARG A 63 -9.19 7.99 -3.83
C ARG A 63 -10.64 8.43 -3.64
N ALA A 64 -11.42 7.61 -2.93
CA ALA A 64 -12.84 7.90 -2.67
C ALA A 64 -13.60 8.27 -3.96
N ALA A 65 -14.83 8.75 -3.80
CA ALA A 65 -15.66 9.14 -4.94
C ALA A 65 -15.70 10.67 -5.09
N GLY A 66 -15.16 11.17 -6.21
CA GLY A 66 -15.15 12.61 -6.45
C GLY A 66 -13.75 13.19 -6.45
N GLN A 67 -12.87 12.63 -5.62
CA GLN A 67 -11.49 13.11 -5.51
C GLN A 67 -10.66 12.64 -6.72
N ASP A 68 -9.35 12.43 -6.52
CA ASP A 68 -8.47 11.97 -7.61
C ASP A 68 -8.60 10.45 -7.79
N ASP A 69 -9.82 9.93 -7.56
CA ASP A 69 -10.11 8.52 -7.66
C ASP A 69 -9.28 7.82 -8.72
N VAL A 70 -8.78 6.67 -8.32
CA VAL A 70 -7.96 5.79 -9.15
C VAL A 70 -7.16 6.56 -10.21
N PRO A 71 -5.94 7.01 -9.84
CA PRO A 71 -5.08 7.75 -10.76
C PRO A 71 -4.34 6.86 -11.74
N GLY A 72 -4.47 5.54 -11.57
CA GLY A 72 -3.78 4.60 -12.45
C GLY A 72 -2.34 4.39 -12.04
N ASP A 73 -1.72 5.44 -11.51
CA ASP A 73 -0.33 5.38 -11.06
C ASP A 73 -0.23 4.87 -9.63
N LEU A 74 -1.34 4.91 -8.86
CA LEU A 74 -1.32 4.42 -7.50
C LEU A 74 -1.46 2.91 -7.49
N ARG A 75 -2.47 2.41 -8.20
CA ARG A 75 -2.71 0.98 -8.31
C ARG A 75 -1.46 0.28 -8.85
N ALA A 76 -1.03 0.70 -10.04
CA ALA A 76 0.15 0.13 -10.70
C ALA A 76 1.32 0.11 -9.75
N LYS A 77 1.38 1.13 -8.89
CA LYS A 77 2.43 1.25 -7.90
C LYS A 77 2.16 0.25 -6.78
N VAL A 78 0.89 0.13 -6.39
CA VAL A 78 0.48 -0.81 -5.36
C VAL A 78 0.69 -2.24 -5.83
N MET A 79 0.11 -2.58 -6.99
CA MET A 79 0.25 -3.93 -7.56
C MET A 79 1.72 -4.30 -7.66
N GLY A 80 2.51 -3.37 -8.21
CA GLY A 80 3.95 -3.59 -8.35
C GLY A 80 4.64 -3.80 -7.02
N ARG A 81 4.11 -3.17 -5.96
CA ARG A 81 4.65 -3.34 -4.63
C ARG A 81 4.27 -4.70 -4.12
N LEU A 82 3.00 -5.10 -4.38
CA LEU A 82 2.56 -6.42 -3.96
C LEU A 82 3.40 -7.45 -4.68
N ASP A 83 3.39 -7.37 -6.02
CA ASP A 83 4.17 -8.27 -6.85
C ASP A 83 5.62 -8.34 -6.36
N LEU A 84 6.09 -7.22 -5.78
CA LEU A 84 7.43 -7.15 -5.23
C LEU A 84 7.42 -7.76 -3.83
N ILE A 85 6.36 -7.48 -3.09
CA ILE A 85 6.16 -8.00 -1.74
C ILE A 85 6.03 -9.53 -1.77
N ARG A 86 5.07 -10.02 -2.57
CA ARG A 86 4.82 -11.45 -2.72
C ARG A 86 6.06 -12.21 -3.21
N SER A 87 6.85 -11.57 -4.07
CA SER A 87 8.07 -12.18 -4.61
C SER A 87 9.28 -11.98 -3.68
N GLY A 88 9.34 -10.82 -3.02
CA GLY A 88 10.44 -10.52 -2.13
C GLY A 88 10.09 -9.45 -1.10
N GLN A 89 11.03 -8.56 -0.80
CA GLN A 89 10.80 -7.51 0.17
C GLN A 89 11.41 -6.18 -0.33
N SER A 90 11.71 -5.28 0.61
CA SER A 90 12.29 -3.98 0.30
C SER A 90 11.43 -3.21 -0.71
N VAL A 91 10.70 -2.22 -0.22
CA VAL A 91 9.84 -1.39 -1.06
C VAL A 91 10.01 0.09 -0.75
N PRO A 92 11.06 0.70 -1.35
CA PRO A 92 11.41 2.10 -1.15
C PRO A 92 10.57 3.05 -2.02
N GLU A 93 10.79 4.36 -1.86
CA GLU A 93 10.07 5.38 -2.61
C GLU A 93 8.56 5.24 -2.43
N HIS A 94 8.07 5.58 -1.23
CA HIS A 94 6.64 5.49 -0.91
C HIS A 94 6.22 6.62 0.04
N ASP A 95 6.73 7.82 -0.20
CA ASP A 95 6.40 8.97 0.64
C ASP A 95 5.01 9.51 0.31
N VAL A 96 4.85 9.99 -0.93
CA VAL A 96 3.57 10.53 -1.39
C VAL A 96 2.96 9.64 -2.48
N ALA A 97 3.68 8.57 -2.85
CA ALA A 97 3.22 7.65 -3.89
C ALA A 97 3.14 8.34 -5.25
N ALA A 98 3.63 9.59 -5.32
CA ALA A 98 3.62 10.36 -6.55
C ALA A 98 4.96 11.07 -6.77
N ALA A 99 5.44 11.75 -5.72
CA ALA A 99 6.71 12.47 -5.79
C ALA A 99 7.58 12.13 -4.58
N PRO A 100 8.16 10.92 -4.54
CA PRO A 100 9.01 10.46 -3.43
C PRO A 100 10.45 10.97 -3.54
N SER A 101 11.10 11.14 -2.40
CA SER A 101 12.48 11.61 -2.34
C SER A 101 13.20 11.07 -1.11
N SER A 102 13.43 9.76 -1.10
CA SER A 102 14.11 9.12 0.03
C SER A 102 15.63 9.06 -0.20
N SER A 103 16.05 8.60 -1.38
CA SER A 103 17.46 8.50 -1.72
C SER A 103 17.70 8.83 -3.19
N ALA A 104 16.97 8.18 -4.09
CA ALA A 104 17.10 8.42 -5.53
C ALA A 104 15.77 8.82 -6.15
N PRO A 105 15.39 10.12 -6.06
CA PRO A 105 14.13 10.64 -6.61
C PRO A 105 13.94 10.26 -8.09
N GLN A 106 14.97 10.50 -8.91
CA GLN A 106 14.92 10.19 -10.33
C GLN A 106 16.33 10.01 -10.90
N GLU A 107 17.11 9.12 -10.27
CA GLU A 107 18.48 8.85 -10.70
C GLU A 107 18.49 7.87 -11.88
N SER A 108 19.05 8.30 -13.02
CA SER A 108 19.12 7.46 -14.21
C SER A 108 20.34 6.55 -14.17
N GLY A 1 11.34 13.84 25.98
CA GLY A 1 11.99 12.81 25.14
C GLY A 1 11.09 11.62 24.88
N SER A 2 10.18 11.75 23.92
CA SER A 2 9.25 10.68 23.57
C SER A 2 9.77 9.87 22.38
N HIS A 3 9.58 8.54 22.44
CA HIS A 3 10.03 7.64 21.38
C HIS A 3 8.86 6.85 20.80
N MET A 4 8.83 6.71 19.48
CA MET A 4 7.76 5.97 18.80
C MET A 4 8.28 4.63 18.28
N SER A 5 7.44 3.60 18.35
CA SER A 5 7.80 2.27 17.89
C SER A 5 6.67 1.65 17.07
N ALA A 6 6.91 1.47 15.77
CA ALA A 6 5.92 0.89 14.87
C ALA A 6 6.58 0.01 13.81
N GLY A 7 7.47 -0.89 14.25
CA GLY A 7 8.16 -1.77 13.34
C GLY A 7 7.42 -3.09 13.12
N GLU A 8 7.17 -3.81 14.21
CA GLU A 8 6.47 -5.09 14.15
C GLU A 8 5.44 -5.20 15.27
N PRO A 9 4.28 -4.53 15.12
CA PRO A 9 3.21 -4.54 16.13
C PRO A 9 2.34 -5.81 16.06
N HIS A 10 2.97 -6.97 16.31
CA HIS A 10 2.27 -8.26 16.29
C HIS A 10 1.64 -8.54 14.91
N GLU A 11 2.28 -9.45 14.16
CA GLU A 11 1.79 -9.83 12.83
C GLU A 11 1.24 -11.26 12.83
N THR A 12 0.55 -11.63 11.76
CA THR A 12 -0.02 -12.96 11.63
C THR A 12 -0.36 -13.29 10.17
N ASP A 13 -1.14 -12.41 9.53
CA ASP A 13 -1.53 -12.58 8.13
C ASP A 13 -1.33 -11.28 7.36
N CYS A 14 -0.75 -11.37 6.16
CA CYS A 14 -0.50 -10.19 5.34
C CYS A 14 -0.85 -10.42 3.87
N SER A 15 -0.35 -11.53 3.30
CA SER A 15 -0.60 -11.85 1.90
C SER A 15 -2.07 -11.62 1.52
N GLU A 16 -2.97 -12.15 2.35
CA GLU A 16 -4.41 -12.01 2.11
C GLU A 16 -4.79 -10.56 1.92
N ILE A 17 -4.28 -9.70 2.80
CA ILE A 17 -4.53 -8.26 2.69
C ILE A 17 -4.06 -7.79 1.35
N LEU A 18 -2.89 -8.27 0.91
CA LEU A 18 -2.42 -7.92 -0.40
C LEU A 18 -3.43 -8.47 -1.38
N ASP A 19 -3.71 -9.78 -1.28
CA ASP A 19 -4.69 -10.43 -2.17
C ASP A 19 -5.86 -9.50 -2.47
N HIS A 20 -6.30 -8.68 -1.50
CA HIS A 20 -7.36 -7.73 -1.79
C HIS A 20 -6.75 -6.61 -2.61
N LEU A 21 -5.71 -5.99 -2.04
CA LEU A 21 -4.99 -4.90 -2.70
C LEU A 21 -4.81 -5.13 -4.21
N TYR A 22 -4.84 -6.40 -4.65
CA TYR A 22 -4.71 -6.70 -6.07
C TYR A 22 -6.08 -6.74 -6.75
N GLU A 23 -6.81 -7.81 -6.47
CA GLU A 23 -8.11 -8.06 -7.03
C GLU A 23 -9.17 -7.01 -6.62
N PHE A 24 -9.00 -6.42 -5.45
CA PHE A 24 -9.93 -5.42 -4.93
C PHE A 24 -9.93 -4.18 -5.83
N LEU A 25 -8.73 -3.76 -6.18
CA LEU A 25 -8.59 -2.55 -7.00
C LEU A 25 -8.61 -2.84 -8.50
N ASP A 26 -7.94 -3.90 -8.96
CA ASP A 26 -7.90 -4.18 -10.40
C ASP A 26 -9.10 -5.00 -10.92
N LYS A 27 -9.94 -5.52 -10.02
CA LYS A 27 -11.06 -6.35 -10.46
C LYS A 27 -12.41 -5.96 -9.85
N GLU A 28 -12.54 -4.71 -9.45
CA GLU A 28 -13.78 -4.22 -8.87
C GLU A 28 -14.09 -2.77 -9.29
N MET A 29 -13.65 -1.79 -8.48
CA MET A 29 -13.89 -0.38 -8.77
C MET A 29 -13.08 0.50 -7.82
N PRO A 30 -11.83 0.84 -8.22
CA PRO A 30 -10.90 1.67 -7.41
C PRO A 30 -11.57 2.82 -6.65
N ASP A 31 -12.44 3.57 -7.32
CA ASP A 31 -13.12 4.72 -6.68
C ASP A 31 -14.05 4.26 -5.54
N SER A 32 -14.74 3.14 -5.74
CA SER A 32 -15.64 2.61 -4.71
C SER A 32 -14.90 1.61 -3.82
N ASP A 33 -13.60 1.87 -3.56
CA ASP A 33 -12.78 1.00 -2.73
C ASP A 33 -12.21 1.77 -1.54
N ALA A 34 -12.06 3.10 -1.66
CA ALA A 34 -11.51 3.92 -0.58
C ALA A 34 -12.28 3.75 0.73
N VAL A 35 -13.61 3.73 0.66
CA VAL A 35 -14.44 3.57 1.86
C VAL A 35 -14.39 2.14 2.38
N LYS A 36 -14.16 1.19 1.47
CA LYS A 36 -14.05 -0.21 1.85
C LYS A 36 -12.60 -0.54 2.19
N PHE A 37 -11.70 0.36 1.79
CA PHE A 37 -10.27 0.22 2.03
C PHE A 37 -9.91 0.54 3.48
N GLU A 38 -10.87 0.90 4.32
CA GLU A 38 -10.57 1.23 5.71
C GLU A 38 -10.99 0.10 6.67
N HIS A 39 -11.66 -0.93 6.14
CA HIS A 39 -12.10 -2.07 6.96
C HIS A 39 -11.06 -3.19 6.95
N HIS A 40 -10.64 -3.57 5.73
CA HIS A 40 -9.65 -4.63 5.55
C HIS A 40 -8.25 -4.12 5.86
N PHE A 41 -7.99 -2.88 5.46
CA PHE A 41 -6.69 -2.25 5.64
C PHE A 41 -6.38 -1.94 7.12
N GLU A 42 -7.43 -1.78 7.94
CA GLU A 42 -7.24 -1.48 9.36
C GLU A 42 -7.13 -2.74 10.21
N GLU A 43 -7.86 -3.79 9.84
CA GLU A 43 -7.83 -5.05 10.59
C GLU A 43 -6.42 -5.64 10.65
N SER A 44 -5.65 -5.46 9.58
CA SER A 44 -4.28 -5.97 9.53
C SER A 44 -3.27 -4.85 9.30
N SER A 45 -3.27 -3.84 10.18
CA SER A 45 -2.32 -2.74 10.07
C SER A 45 -0.88 -3.27 10.08
N PRO A 46 -0.57 -4.25 10.99
CA PRO A 46 0.77 -4.83 11.10
C PRO A 46 1.27 -5.52 9.83
N CYS A 47 0.36 -5.79 8.87
CA CYS A 47 0.78 -6.40 7.60
C CYS A 47 1.42 -5.33 6.75
N LEU A 48 0.82 -4.15 6.79
CA LEU A 48 1.33 -3.00 6.04
C LEU A 48 2.57 -2.40 6.71
N GLU A 49 2.97 -2.93 7.88
CA GLU A 49 4.16 -2.44 8.59
C GLU A 49 5.34 -3.42 8.47
N LYS A 50 5.17 -4.38 7.57
CA LYS A 50 6.22 -5.35 7.27
C LYS A 50 7.07 -4.83 6.11
N TYR A 51 6.38 -4.47 5.03
CA TYR A 51 7.02 -3.97 3.82
C TYR A 51 6.88 -2.44 3.68
N GLY A 52 5.93 -1.86 4.41
CA GLY A 52 5.73 -0.42 4.35
C GLY A 52 4.59 -0.03 3.43
N LEU A 53 3.46 -0.73 3.56
CA LEU A 53 2.30 -0.45 2.72
C LEU A 53 1.31 0.49 3.43
N GLU A 54 1.37 0.57 4.77
CA GLU A 54 0.46 1.44 5.51
C GLU A 54 0.44 2.83 4.88
N GLN A 55 1.62 3.44 4.88
CA GLN A 55 1.85 4.77 4.31
C GLN A 55 1.21 4.91 2.92
N ALA A 56 1.28 3.84 2.11
CA ALA A 56 0.72 3.87 0.76
C ALA A 56 -0.80 3.71 0.77
N VAL A 57 -1.30 2.67 1.44
CA VAL A 57 -2.75 2.41 1.50
C VAL A 57 -3.52 3.57 2.13
N LYS A 58 -2.93 4.24 3.14
CA LYS A 58 -3.59 5.40 3.75
C LYS A 58 -3.84 6.43 2.66
N LYS A 59 -2.85 6.56 1.79
CA LYS A 59 -2.90 7.48 0.67
C LYS A 59 -3.89 6.98 -0.36
N LEU A 60 -3.91 5.66 -0.56
CA LEU A 60 -4.84 5.03 -1.51
C LEU A 60 -6.29 5.36 -1.15
N VAL A 61 -6.59 5.33 0.15
CA VAL A 61 -7.94 5.62 0.65
C VAL A 61 -8.39 7.05 0.30
N LYS A 62 -7.43 7.98 0.22
CA LYS A 62 -7.70 9.38 -0.08
C LYS A 62 -8.54 9.56 -1.35
N ARG A 63 -8.33 8.71 -2.35
CA ARG A 63 -9.08 8.80 -3.62
C ARG A 63 -10.57 9.04 -3.38
N ALA A 64 -11.23 8.07 -2.72
CA ALA A 64 -12.67 8.16 -2.40
C ALA A 64 -13.46 8.93 -3.47
N ALA A 65 -13.80 10.20 -3.19
CA ALA A 65 -14.55 11.03 -4.13
C ALA A 65 -14.17 12.49 -3.97
N GLY A 66 -14.16 13.23 -5.09
CA GLY A 66 -13.80 14.63 -5.07
C GLY A 66 -12.33 14.85 -4.78
N GLN A 67 -11.51 13.86 -5.14
CA GLN A 67 -10.07 13.93 -4.92
C GLN A 67 -9.32 13.59 -6.20
N ASP A 68 -8.00 13.37 -6.09
CA ASP A 68 -7.18 13.03 -7.25
C ASP A 68 -7.78 11.85 -8.02
N ASP A 69 -8.53 11.01 -7.28
CA ASP A 69 -9.20 9.83 -7.83
C ASP A 69 -8.30 8.97 -8.73
N VAL A 70 -8.39 7.67 -8.49
CA VAL A 70 -7.64 6.64 -9.24
C VAL A 70 -6.57 7.23 -10.15
N PRO A 71 -5.48 7.73 -9.55
CA PRO A 71 -4.35 8.31 -10.28
C PRO A 71 -3.73 7.34 -11.28
N GLY A 72 -4.00 6.05 -11.10
CA GLY A 72 -3.44 5.03 -11.97
C GLY A 72 -2.04 4.65 -11.51
N ASP A 73 -1.36 5.61 -10.89
CA ASP A 73 -0.01 5.40 -10.40
C ASP A 73 -0.02 4.81 -8.98
N LEU A 74 -1.18 4.79 -8.30
CA LEU A 74 -1.23 4.21 -6.95
C LEU A 74 -1.39 2.71 -7.04
N ARG A 75 -2.41 2.28 -7.77
CA ARG A 75 -2.67 0.86 -7.95
C ARG A 75 -1.43 0.17 -8.50
N ALA A 76 -0.98 0.63 -9.67
CA ALA A 76 0.20 0.07 -10.33
C ALA A 76 1.36 0.00 -9.34
N LYS A 77 1.36 0.96 -8.42
CA LYS A 77 2.38 1.02 -7.37
C LYS A 77 2.08 -0.03 -6.33
N VAL A 78 0.79 -0.17 -6.01
CA VAL A 78 0.33 -1.14 -5.04
C VAL A 78 0.50 -2.56 -5.59
N MET A 79 -0.13 -2.85 -6.74
CA MET A 79 -0.03 -4.17 -7.36
C MET A 79 1.43 -4.56 -7.55
N GLY A 80 2.22 -3.63 -8.10
CA GLY A 80 3.63 -3.88 -8.33
C GLY A 80 4.39 -4.11 -7.04
N ARG A 81 3.92 -3.47 -5.96
CA ARG A 81 4.54 -3.65 -4.66
C ARG A 81 4.15 -5.02 -4.12
N LEU A 82 2.87 -5.39 -4.31
CA LEU A 82 2.40 -6.70 -3.89
C LEU A 82 3.22 -7.74 -4.63
N ASP A 83 3.20 -7.66 -5.96
CA ASP A 83 3.97 -8.56 -6.81
C ASP A 83 5.41 -8.63 -6.33
N LEU A 84 5.88 -7.53 -5.74
CA LEU A 84 7.23 -7.45 -5.21
C LEU A 84 7.25 -8.11 -3.81
N ILE A 85 6.20 -7.81 -3.05
CA ILE A 85 6.03 -8.36 -1.70
C ILE A 85 5.87 -9.88 -1.75
N ARG A 86 4.87 -10.33 -2.50
CA ARG A 86 4.59 -11.77 -2.66
C ARG A 86 5.83 -12.53 -3.14
N SER A 87 6.63 -11.90 -3.99
CA SER A 87 7.86 -12.50 -4.51
C SER A 87 8.98 -12.50 -3.45
N GLY A 88 9.02 -11.44 -2.63
CA GLY A 88 10.03 -11.32 -1.60
C GLY A 88 10.86 -10.05 -1.71
N GLN A 89 12.14 -10.14 -1.35
CA GLN A 89 13.07 -9.01 -1.41
C GLN A 89 12.50 -7.74 -0.75
N SER A 90 13.05 -7.40 0.42
CA SER A 90 12.61 -6.20 1.15
C SER A 90 13.16 -4.95 0.47
N VAL A 91 12.27 -4.04 0.09
CA VAL A 91 12.67 -2.81 -0.60
C VAL A 91 12.47 -1.58 0.29
N PRO A 92 13.59 -0.98 0.75
CA PRO A 92 13.56 0.22 1.59
C PRO A 92 13.09 1.46 0.82
N GLU A 93 12.90 2.58 1.54
CA GLU A 93 12.46 3.84 0.92
C GLU A 93 11.06 3.70 0.31
N HIS A 94 10.46 4.84 -0.03
CA HIS A 94 9.12 4.88 -0.62
C HIS A 94 9.14 5.50 -2.02
N ASP A 95 10.34 5.80 -2.54
CA ASP A 95 10.48 6.38 -3.88
C ASP A 95 9.62 7.64 -3.99
N VAL A 96 8.37 7.45 -4.40
CA VAL A 96 7.40 8.51 -4.54
C VAL A 96 5.99 7.91 -4.44
N ALA A 97 5.89 6.77 -3.75
CA ALA A 97 4.62 6.08 -3.58
C ALA A 97 3.72 6.80 -2.60
N ALA A 98 4.31 7.34 -1.54
CA ALA A 98 3.57 8.07 -0.51
C ALA A 98 4.52 8.79 0.44
N ALA A 99 4.74 10.09 0.19
CA ALA A 99 5.63 10.89 1.02
C ALA A 99 6.94 10.13 1.26
N PRO A 100 7.84 10.15 0.27
CA PRO A 100 9.11 9.44 0.35
C PRO A 100 10.19 10.20 1.13
N SER A 101 10.83 9.49 2.07
CA SER A 101 11.88 10.09 2.91
C SER A 101 13.21 10.17 2.15
N SER A 102 13.43 9.24 1.22
CA SER A 102 14.67 9.22 0.43
C SER A 102 14.89 10.53 -0.32
N SER A 103 13.79 11.24 -0.64
CA SER A 103 13.85 12.52 -1.35
C SER A 103 14.34 12.32 -2.78
N ALA A 104 13.56 11.58 -3.58
CA ALA A 104 13.90 11.32 -4.98
C ALA A 104 12.66 11.40 -5.87
N PRO A 105 12.08 12.61 -6.05
CA PRO A 105 10.88 12.81 -6.87
C PRO A 105 11.03 12.23 -8.28
N GLN A 106 12.14 12.57 -8.94
CA GLN A 106 12.41 12.08 -10.29
C GLN A 106 13.91 12.17 -10.62
N GLU A 107 14.73 11.45 -9.85
CA GLU A 107 16.18 11.45 -10.05
C GLU A 107 16.58 10.39 -11.07
N SER A 108 17.05 10.84 -12.24
CA SER A 108 17.46 9.91 -13.31
C SER A 108 18.91 9.45 -13.09
#